data_3B48
#
_entry.id   3B48
#
_cell.length_a   60.080
_cell.length_b   102.112
_cell.length_c   60.454
_cell.angle_alpha   90.00
_cell.angle_beta   96.57
_cell.angle_gamma   90.00
#
_symmetry.space_group_name_H-M   'P 1 21 1'
#
loop_
_entity.id
_entity.type
_entity.pdbx_description
1 polymer 'Uncharacterized protein'
2 water water
#
_entity_poly.entity_id   1
_entity_poly.type   'polypeptide(L)'
_entity_poly.pdbx_seq_one_letter_code
;SNA(MSE)KADILLVSHSK(MSE)ITDGIKE(MSE)IEQ(MSE)NASEEITIHSLGGTSDGSLGSDP(MSE)KIIDTINE
ADSDREFLIFADLGSAVLSSELAFD(MSE)LEEDQQKHYHLVDAPLVEGAFASAITAGVSDDLTQILAEAQNAGKKGWN
;
_entity_poly.pdbx_strand_id   A,B,C,D,E,F
#
# COMPACT_ATOMS: atom_id res chain seq x y z
N MSE A 4 -14.09 -5.13 -27.57
CA MSE A 4 -13.84 -3.83 -26.87
C MSE A 4 -12.40 -3.33 -27.04
O MSE A 4 -11.54 -4.09 -27.50
CB MSE A 4 -14.15 -3.98 -25.38
CG MSE A 4 -13.08 -4.73 -24.61
SE MSE A 4 -12.56 -3.67 -23.06
CE MSE A 4 -14.37 -3.40 -22.26
N LYS A 5 -12.13 -2.08 -26.67
CA LYS A 5 -10.89 -1.40 -27.05
C LYS A 5 -9.91 -1.17 -25.91
N ALA A 6 -8.98 -2.10 -25.76
CA ALA A 6 -7.99 -2.03 -24.68
C ALA A 6 -6.59 -1.63 -25.18
N ASP A 7 -5.98 -0.69 -24.46
CA ASP A 7 -4.54 -0.39 -24.64
C ASP A 7 -3.73 -1.05 -23.53
N ILE A 8 -2.55 -1.54 -23.87
CA ILE A 8 -1.68 -2.14 -22.88
C ILE A 8 -0.56 -1.12 -22.66
N LEU A 9 -0.38 -0.64 -21.44
CA LEU A 9 0.68 0.35 -21.15
C LEU A 9 1.73 -0.31 -20.25
N LEU A 10 3.00 -0.18 -20.61
CA LEU A 10 4.09 -0.96 -20.00
C LEU A 10 5.08 -0.03 -19.32
N VAL A 11 5.20 -0.20 -18.01
CA VAL A 11 5.95 0.73 -17.17
C VAL A 11 7.07 -0.03 -16.46
N SER A 12 8.30 0.45 -16.65
CA SER A 12 9.49 -0.03 -15.92
C SER A 12 10.58 1.07 -15.88
N HIS A 13 11.60 0.89 -15.03
CA HIS A 13 12.83 1.67 -15.14
C HIS A 13 13.43 1.42 -16.51
N SER A 14 13.10 0.27 -17.07
CA SER A 14 13.85 -0.27 -18.18
C SER A 14 13.11 -0.21 -19.49
N LYS A 15 13.58 0.65 -20.42
CA LYS A 15 12.97 0.72 -21.77
C LYS A 15 13.19 -0.58 -22.56
N MSE A 16 14.29 -1.27 -22.29
CA MSE A 16 14.62 -2.56 -22.91
C MSE A 16 13.53 -3.59 -22.68
O MSE A 16 12.99 -4.18 -23.62
CB MSE A 16 15.90 -3.13 -22.33
CG MSE A 16 17.12 -2.59 -22.93
SE MSE A 16 18.55 -3.96 -22.85
CE MSE A 16 17.97 -5.11 -24.31
N ILE A 17 13.20 -3.75 -21.41
CA ILE A 17 12.12 -4.64 -20.95
C ILE A 17 10.78 -4.32 -21.62
N THR A 18 10.34 -3.05 -21.57
CA THR A 18 9.04 -2.69 -22.17
C THR A 18 9.05 -2.76 -23.73
N ASP A 19 10.15 -2.37 -24.37
CA ASP A 19 10.36 -2.59 -25.81
C ASP A 19 10.35 -4.09 -26.15
N GLY A 20 11.13 -4.87 -25.38
CA GLY A 20 11.17 -6.32 -25.47
C GLY A 20 9.82 -7.03 -25.35
N ILE A 21 9.03 -6.64 -24.34
CA ILE A 21 7.67 -7.18 -24.13
C ILE A 21 6.72 -6.81 -25.28
N LYS A 22 6.74 -5.54 -25.69
CA LYS A 22 5.98 -5.05 -26.83
C LYS A 22 6.29 -5.82 -28.12
N GLU A 23 7.57 -5.97 -28.41
CA GLU A 23 7.99 -6.66 -29.60
C GLU A 23 7.61 -8.15 -29.54
N MSE A 24 7.66 -8.74 -28.35
CA MSE A 24 7.34 -10.13 -28.23
C MSE A 24 5.84 -10.40 -28.40
O MSE A 24 5.46 -11.34 -29.07
CB MSE A 24 7.82 -10.67 -26.89
CG MSE A 24 8.23 -12.13 -26.90
SE MSE A 24 8.56 -12.68 -25.03
CE MSE A 24 6.94 -11.97 -24.16
N ILE A 25 4.99 -9.55 -27.79
CA ILE A 25 3.54 -9.66 -27.98
C ILE A 25 3.14 -9.57 -29.46
N GLU A 26 3.68 -8.56 -30.13
CA GLU A 26 3.31 -8.27 -31.52
C GLU A 26 3.70 -9.37 -32.49
N GLN A 27 4.87 -9.97 -32.25
CA GLN A 27 5.44 -10.96 -33.17
C GLN A 27 4.74 -12.31 -33.11
N MSE A 28 3.78 -12.44 -32.20
CA MSE A 28 3.13 -13.71 -31.94
C MSE A 28 1.62 -13.66 -32.11
O MSE A 28 0.96 -14.70 -32.26
CB MSE A 28 3.45 -14.16 -30.51
CG MSE A 28 4.93 -14.30 -30.19
SE MSE A 28 5.25 -14.68 -28.29
CE MSE A 28 4.37 -16.45 -28.19
N ASN A 29 1.06 -12.46 -32.08
CA ASN A 29 -0.38 -12.28 -31.94
C ASN A 29 -1.00 -11.47 -33.06
N GLU A 32 -2.79 -7.76 -33.06
CA GLU A 32 -3.63 -7.24 -34.14
C GLU A 32 -4.18 -5.87 -33.78
N GLU A 33 -5.30 -5.86 -33.08
CA GLU A 33 -6.10 -4.65 -32.87
C GLU A 33 -5.92 -4.08 -31.45
N ILE A 34 -4.78 -4.40 -30.81
CA ILE A 34 -4.41 -3.85 -29.49
C ILE A 34 -3.24 -2.89 -29.63
N THR A 35 -3.36 -1.71 -29.05
CA THR A 35 -2.27 -0.74 -29.03
C THR A 35 -1.50 -0.98 -27.77
N ILE A 36 -0.17 -1.21 -27.92
CA ILE A 36 0.76 -1.43 -26.80
C ILE A 36 1.72 -0.27 -26.65
N HIS A 37 1.83 0.26 -25.42
CA HIS A 37 2.75 1.37 -25.14
C HIS A 37 3.93 0.95 -24.25
N SER A 38 5.11 1.01 -24.84
CA SER A 38 6.36 0.83 -24.15
C SER A 38 6.74 2.14 -23.51
N LEU A 39 6.47 2.28 -22.21
CA LEU A 39 6.76 3.51 -21.45
C LEU A 39 7.83 3.30 -20.37
N GLY A 40 8.75 2.37 -20.59
CA GLY A 40 9.82 2.10 -19.64
C GLY A 40 10.84 3.21 -19.79
N GLY A 41 11.57 3.51 -18.72
CA GLY A 41 12.71 4.46 -18.83
C GLY A 41 12.37 5.92 -18.59
N THR A 42 13.42 6.73 -18.49
CA THR A 42 13.23 8.16 -18.39
C THR A 42 12.90 8.70 -19.78
N SER A 43 12.70 10.02 -19.88
CA SER A 43 12.47 10.68 -21.15
C SER A 43 13.60 10.54 -22.20
N ASP A 44 14.86 10.57 -21.76
CA ASP A 44 15.99 10.37 -22.68
C ASP A 44 16.35 8.89 -22.84
N GLY A 45 15.69 8.03 -22.07
CA GLY A 45 15.81 6.58 -22.19
C GLY A 45 16.61 5.85 -21.10
N SER A 46 17.28 6.62 -20.23
CA SER A 46 17.97 6.05 -19.07
C SER A 46 17.06 5.27 -18.10
N LEU A 47 17.69 4.56 -17.17
CA LEU A 47 17.01 3.76 -16.17
C LEU A 47 16.33 4.60 -15.10
N GLY A 48 15.01 4.68 -15.21
CA GLY A 48 14.22 5.45 -14.28
C GLY A 48 12.76 5.52 -14.64
N SER A 49 12.01 6.29 -13.87
CA SER A 49 10.57 6.40 -14.07
C SER A 49 10.22 7.70 -14.77
N ASP A 50 9.07 7.72 -15.46
CA ASP A 50 8.59 8.93 -16.14
C ASP A 50 7.06 9.00 -16.18
N PRO A 51 6.43 9.45 -15.07
CA PRO A 51 4.98 9.53 -14.95
C PRO A 51 4.31 10.42 -16.01
N MSE A 52 4.95 11.51 -16.42
CA MSE A 52 4.44 12.33 -17.49
C MSE A 52 4.14 11.53 -18.78
O MSE A 52 3.09 11.74 -19.41
CB MSE A 52 5.33 13.54 -17.77
CG MSE A 52 4.60 14.70 -18.49
SE MSE A 52 2.87 15.25 -17.69
CE MSE A 52 3.50 16.32 -16.18
N LYS A 53 5.02 10.61 -19.17
CA LYS A 53 4.77 9.77 -20.35
C LYS A 53 3.43 9.03 -20.26
N ILE A 54 3.08 8.57 -19.06
CA ILE A 54 1.80 7.91 -18.85
C ILE A 54 0.63 8.85 -19.10
N ILE A 55 0.66 10.02 -18.41
CA ILE A 55 -0.33 11.08 -18.55
C ILE A 55 -0.51 11.54 -20.02
N ASP A 56 0.61 11.85 -20.67
CA ASP A 56 0.62 12.12 -22.12
C ASP A 56 -0.12 11.03 -22.90
N THR A 57 0.24 9.78 -22.65
CA THR A 57 -0.32 8.65 -23.37
C THR A 57 -1.86 8.65 -23.28
N ILE A 58 -2.40 8.78 -22.06
CA ILE A 58 -3.86 8.84 -21.85
C ILE A 58 -4.48 10.04 -22.54
N ASN A 59 -3.84 11.19 -22.41
CA ASN A 59 -4.33 12.42 -23.06
C ASN A 59 -4.34 12.36 -24.59
N GLU A 60 -3.33 11.74 -25.19
CA GLU A 60 -3.23 11.54 -26.63
C GLU A 60 -4.19 10.48 -27.17
N ALA A 61 -4.71 9.62 -26.29
CA ALA A 61 -5.51 8.49 -26.73
C ALA A 61 -6.98 8.87 -26.96
N ASP A 62 -7.74 8.04 -27.68
CA ASP A 62 -9.20 8.15 -27.71
C ASP A 62 -9.83 7.99 -26.32
N SER A 63 -11.08 8.47 -26.23
CA SER A 63 -11.90 8.40 -25.01
C SER A 63 -12.73 7.12 -24.88
N ASP A 64 -12.54 6.17 -25.80
CA ASP A 64 -13.40 4.98 -25.84
C ASP A 64 -12.60 3.70 -25.55
N ARG A 65 -11.46 3.89 -24.90
CA ARG A 65 -10.47 2.84 -24.71
C ARG A 65 -10.28 2.56 -23.22
N GLU A 66 -10.11 1.30 -22.86
CA GLU A 66 -9.65 0.93 -21.54
C GLU A 66 -8.10 0.85 -21.51
N PHE A 67 -7.51 1.48 -20.50
CA PHE A 67 -6.06 1.53 -20.33
C PHE A 67 -5.69 0.58 -19.23
N LEU A 68 -4.90 -0.42 -19.61
CA LEU A 68 -4.49 -1.42 -18.67
C LEU A 68 -3.05 -1.11 -18.38
N ILE A 69 -2.78 -0.72 -17.14
CA ILE A 69 -1.39 -0.39 -16.75
C ILE A 69 -0.67 -1.58 -16.12
N PHE A 70 0.48 -1.94 -16.69
CA PHE A 70 1.35 -2.98 -16.11
C PHE A 70 2.67 -2.37 -15.72
N ALA A 71 3.13 -2.65 -14.50
CA ALA A 71 4.40 -2.17 -13.96
C ALA A 71 5.17 -3.33 -13.34
N ASP A 72 6.45 -3.15 -13.08
CA ASP A 72 7.21 -4.21 -12.42
C ASP A 72 7.52 -3.93 -10.95
N LEU A 73 8.45 -3.01 -10.70
CA LEU A 73 8.96 -2.82 -9.36
C LEU A 73 8.40 -1.57 -8.70
N GLY A 74 8.87 -1.24 -7.50
CA GLY A 74 8.24 -0.23 -6.65
C GLY A 74 8.16 1.16 -7.23
N SER A 75 9.22 1.58 -7.92
CA SER A 75 9.27 2.91 -8.49
C SER A 75 8.29 3.11 -9.67
N ALA A 76 8.23 2.13 -10.58
CA ALA A 76 7.24 2.10 -11.67
C ALA A 76 5.78 2.04 -11.15
N VAL A 77 5.54 1.22 -10.13
CA VAL A 77 4.27 1.17 -9.42
C VAL A 77 3.84 2.52 -8.81
N LEU A 78 4.74 3.16 -8.07
CA LEU A 78 4.50 4.49 -7.51
C LEU A 78 4.17 5.49 -8.64
N SER A 79 4.87 5.37 -9.75
CA SER A 79 4.78 6.30 -10.87
C SER A 79 3.43 6.18 -11.61
N SER A 80 2.97 4.95 -11.75
CA SER A 80 1.68 4.59 -12.35
C SER A 80 0.52 5.04 -11.50
N GLU A 81 0.75 5.04 -10.18
CA GLU A 81 -0.26 5.46 -9.21
C GLU A 81 -0.37 7.00 -9.24
N LEU A 82 0.77 7.69 -9.21
CA LEU A 82 0.79 9.15 -9.39
C LEU A 82 0.13 9.58 -10.69
N ALA A 83 0.48 8.91 -11.77
CA ALA A 83 -0.19 9.14 -13.06
C ALA A 83 -1.74 9.18 -12.95
N PHE A 84 -2.32 8.10 -12.41
CA PHE A 84 -3.77 8.00 -12.12
C PHE A 84 -4.30 9.20 -11.29
N ASP A 85 -3.61 9.49 -10.21
CA ASP A 85 -3.91 10.63 -9.36
C ASP A 85 -3.89 11.99 -10.05
N MSE A 86 -3.15 12.09 -11.16
CA MSE A 86 -3.06 13.35 -11.89
C MSE A 86 -4.13 13.46 -12.99
O MSE A 86 -4.30 14.51 -13.59
CB MSE A 86 -1.67 13.48 -12.50
CG MSE A 86 -0.56 13.67 -11.47
SE MSE A 86 -0.73 15.38 -10.49
CE MSE A 86 -0.38 16.65 -11.96
N LEU A 87 -4.87 12.38 -13.26
CA LEU A 87 -5.82 12.38 -14.40
C LEU A 87 -7.13 13.06 -14.05
N GLU A 88 -7.96 13.34 -15.05
CA GLU A 88 -9.34 13.80 -14.81
C GLU A 88 -10.20 12.64 -14.36
N GLU A 89 -11.31 12.93 -13.71
CA GLU A 89 -12.19 11.87 -13.21
C GLU A 89 -12.78 11.02 -14.35
N ASP A 90 -13.04 11.65 -15.49
CA ASP A 90 -13.52 10.95 -16.68
C ASP A 90 -12.47 9.97 -17.20
N GLN A 91 -11.19 10.38 -17.18
CA GLN A 91 -10.05 9.56 -17.60
C GLN A 91 -9.67 8.45 -16.63
N GLN A 92 -9.79 8.78 -15.35
CA GLN A 92 -9.60 7.84 -14.28
C GLN A 92 -10.48 6.62 -14.36
N LYS A 93 -11.70 6.78 -14.85
CA LYS A 93 -12.63 5.66 -14.97
C LYS A 93 -12.22 4.62 -16.05
N HIS A 94 -11.31 4.97 -16.96
CA HIS A 94 -10.82 4.07 -18.03
C HIS A 94 -9.40 3.52 -17.79
N TYR A 95 -8.86 3.83 -16.62
CA TYR A 95 -7.49 3.61 -16.28
C TYR A 95 -7.51 2.47 -15.25
N HIS A 96 -6.88 1.36 -15.63
CA HIS A 96 -6.86 0.19 -14.78
C HIS A 96 -5.43 -0.22 -14.44
N LEU A 97 -5.10 -0.04 -13.17
CA LEU A 97 -3.87 -0.57 -12.60
C LEU A 97 -4.06 -2.08 -12.44
N VAL A 98 -3.29 -2.87 -13.19
CA VAL A 98 -3.55 -4.28 -13.22
C VAL A 98 -2.61 -4.96 -12.25
N ASP A 99 -3.22 -5.73 -11.35
CA ASP A 99 -2.44 -6.40 -10.29
C ASP A 99 -1.89 -7.68 -10.88
N ALA A 100 -0.85 -7.56 -11.70
CA ALA A 100 -0.32 -8.70 -12.46
C ALA A 100 1.18 -8.57 -12.60
N PRO A 101 1.90 -9.69 -12.94
CA PRO A 101 3.30 -9.60 -13.36
C PRO A 101 3.46 -8.84 -14.67
N LEU A 102 4.49 -8.02 -14.76
CA LEU A 102 4.66 -7.17 -15.92
C LEU A 102 4.67 -7.93 -17.25
N VAL A 103 5.43 -9.01 -17.36
CA VAL A 103 5.62 -9.66 -18.65
C VAL A 103 4.47 -10.61 -18.96
N GLU A 104 4.29 -11.61 -18.10
CA GLU A 104 3.21 -12.60 -18.22
C GLU A 104 1.82 -11.98 -18.10
N GLY A 105 1.71 -10.93 -17.28
CA GLY A 105 0.43 -10.24 -17.09
C GLY A 105 0.06 -9.60 -18.41
N ALA A 106 1.01 -8.88 -19.02
CA ALA A 106 0.72 -8.16 -20.26
C ALA A 106 0.35 -9.07 -21.42
N PHE A 107 1.03 -10.20 -21.49
CA PHE A 107 0.82 -11.19 -22.55
C PHE A 107 -0.57 -11.80 -22.38
N ALA A 108 -0.89 -12.19 -21.15
CA ALA A 108 -2.19 -12.84 -20.87
C ALA A 108 -3.32 -11.92 -21.29
N SER A 109 -3.17 -10.62 -21.02
CA SER A 109 -4.22 -9.65 -21.29
C SER A 109 -4.38 -9.37 -22.80
N ALA A 110 -3.27 -9.20 -23.51
CA ALA A 110 -3.30 -8.99 -24.94
C ALA A 110 -3.93 -10.18 -25.63
N ILE A 111 -3.58 -11.38 -25.15
CA ILE A 111 -4.16 -12.63 -25.66
C ILE A 111 -5.67 -12.65 -25.38
N THR A 112 -6.04 -12.53 -24.11
CA THR A 112 -7.47 -12.58 -23.72
C THR A 112 -8.34 -11.49 -24.38
N ALA A 113 -7.79 -10.29 -24.61
CA ALA A 113 -8.55 -9.19 -25.22
C ALA A 113 -8.99 -9.48 -26.64
N GLY A 114 -8.27 -10.38 -27.32
CA GLY A 114 -8.60 -10.79 -28.68
C GLY A 114 -9.88 -11.60 -28.79
N SER A 116 -12.04 -11.85 -26.02
CA SER A 116 -13.04 -11.45 -25.05
C SER A 116 -13.32 -9.97 -25.14
N ASP A 117 -14.58 -9.63 -24.90
CA ASP A 117 -15.02 -8.25 -24.73
C ASP A 117 -15.35 -8.01 -23.24
N ASP A 118 -15.09 -9.03 -22.41
CA ASP A 118 -15.38 -8.94 -20.99
C ASP A 118 -14.15 -8.40 -20.30
N LEU A 119 -14.28 -7.19 -19.76
CA LEU A 119 -13.14 -6.52 -19.14
C LEU A 119 -12.76 -7.23 -17.86
N THR A 120 -13.76 -7.67 -17.11
CA THR A 120 -13.56 -8.41 -15.87
C THR A 120 -12.64 -9.63 -16.10
N GLN A 121 -12.80 -10.29 -17.24
CA GLN A 121 -12.03 -11.47 -17.56
C GLN A 121 -10.62 -11.20 -18.13
N ILE A 122 -10.47 -10.08 -18.82
CA ILE A 122 -9.17 -9.67 -19.34
C ILE A 122 -8.17 -9.39 -18.19
N LEU A 123 -8.68 -8.79 -17.12
CA LEU A 123 -7.90 -8.44 -15.94
C LEU A 123 -7.71 -9.66 -15.06
N ALA A 124 -8.75 -10.50 -15.00
CA ALA A 124 -8.70 -11.75 -14.24
C ALA A 124 -7.63 -12.69 -14.76
N GLU A 125 -7.52 -12.82 -16.08
CA GLU A 125 -6.51 -13.68 -16.67
C GLU A 125 -5.14 -13.09 -16.43
N ALA A 126 -5.05 -11.77 -16.53
CA ALA A 126 -3.82 -11.06 -16.22
C ALA A 126 -3.43 -11.27 -14.75
N GLN A 127 -4.37 -11.06 -13.83
CA GLN A 127 -4.12 -11.26 -12.40
C GLN A 127 -3.65 -12.67 -11.99
N ASN A 128 -4.11 -13.69 -12.71
CA ASN A 128 -3.69 -15.06 -12.37
C ASN A 128 -2.55 -15.61 -13.27
N ALA A 129 -1.95 -14.70 -14.05
CA ALA A 129 -0.81 -15.02 -14.92
C ALA A 129 0.47 -15.20 -14.09
N GLY A 130 1.51 -15.80 -14.68
CA GLY A 130 2.83 -15.91 -14.02
C GLY A 130 3.12 -17.15 -13.17
N LYS A 131 2.19 -18.11 -13.20
CA LYS A 131 2.37 -19.39 -12.53
C LYS A 131 2.74 -20.42 -13.58
N LYS A 132 3.78 -21.21 -13.30
CA LYS A 132 4.33 -22.13 -14.30
C LYS A 132 3.85 -23.59 -14.15
N GLY A 133 3.18 -23.89 -13.03
CA GLY A 133 2.80 -25.26 -12.69
C GLY A 133 4.02 -26.03 -12.22
N TRP A 134 4.98 -25.29 -11.66
CA TRP A 134 6.24 -25.85 -11.23
C TRP A 134 6.21 -26.18 -9.75
N ASN A 135 5.51 -25.32 -9.01
CA ASN A 135 5.53 -25.24 -7.55
C ASN A 135 6.95 -25.15 -6.98
N MSE B 4 26.56 -17.88 0.59
CA MSE B 4 26.20 -18.97 -0.38
C MSE B 4 26.34 -18.56 -1.85
O MSE B 4 26.39 -17.36 -2.19
CB MSE B 4 24.79 -19.56 -0.09
CG MSE B 4 23.60 -18.80 -0.69
SE MSE B 4 22.25 -19.97 -1.58
CE MSE B 4 22.17 -21.47 -0.30
N LYS B 5 26.43 -19.54 -2.73
CA LYS B 5 26.63 -19.26 -4.14
C LYS B 5 25.37 -19.47 -4.96
N ALA B 6 24.89 -18.38 -5.54
CA ALA B 6 23.65 -18.37 -6.31
C ALA B 6 23.79 -17.69 -7.67
N ASP B 7 23.08 -18.26 -8.64
CA ASP B 7 22.91 -17.66 -9.94
C ASP B 7 21.44 -17.61 -10.28
N ILE B 8 21.04 -16.51 -10.94
CA ILE B 8 19.72 -16.35 -11.50
C ILE B 8 19.80 -16.49 -13.01
N LEU B 9 19.04 -17.45 -13.52
CA LEU B 9 19.01 -17.70 -14.96
C LEU B 9 17.63 -17.30 -15.47
N LEU B 10 17.67 -16.38 -16.43
CA LEU B 10 16.53 -15.69 -16.98
C LEU B 10 16.28 -16.21 -18.40
N VAL B 11 15.19 -16.96 -18.55
CA VAL B 11 14.80 -17.54 -19.85
C VAL B 11 13.57 -16.83 -20.47
N SER B 12 13.66 -16.50 -21.75
CA SER B 12 12.56 -15.83 -22.42
C SER B 12 12.69 -16.11 -23.89
N HIS B 13 11.64 -15.87 -24.67
CA HIS B 13 11.83 -15.66 -26.12
C HIS B 13 12.71 -14.45 -26.46
N SER B 14 12.62 -13.40 -25.64
CA SER B 14 13.22 -12.10 -25.97
C SER B 14 14.52 -11.96 -25.21
N LYS B 15 15.61 -11.78 -25.98
CA LYS B 15 16.91 -11.42 -25.43
C LYS B 15 16.85 -9.99 -24.91
N MSE B 16 16.04 -9.15 -25.55
CA MSE B 16 15.83 -7.80 -25.02
C MSE B 16 15.32 -7.78 -23.58
O MSE B 16 15.82 -7.01 -22.73
CB MSE B 16 14.87 -7.02 -25.89
CG MSE B 16 15.50 -6.12 -26.88
SE MSE B 16 14.14 -4.82 -27.41
CE MSE B 16 14.99 -3.20 -26.66
N ILE B 17 14.34 -8.64 -23.29
CA ILE B 17 13.77 -8.74 -21.93
C ILE B 17 14.85 -9.18 -20.92
N THR B 18 15.51 -10.31 -21.15
CA THR B 18 16.47 -10.83 -20.20
C THR B 18 17.71 -9.93 -20.01
N ASP B 19 18.17 -9.28 -21.08
CA ASP B 19 19.28 -8.32 -20.97
C ASP B 19 18.78 -7.12 -20.12
N GLY B 20 17.57 -6.66 -20.43
CA GLY B 20 16.97 -5.54 -19.72
C GLY B 20 16.81 -5.78 -18.24
N ILE B 21 16.36 -6.99 -17.89
CA ILE B 21 16.22 -7.39 -16.48
C ILE B 21 17.58 -7.36 -15.77
N LYS B 22 18.58 -7.97 -16.41
CA LYS B 22 19.93 -8.09 -15.85
C LYS B 22 20.55 -6.72 -15.60
N GLU B 23 20.51 -5.91 -16.64
CA GLU B 23 20.96 -4.52 -16.58
C GLU B 23 20.24 -3.71 -15.49
N MSE B 24 18.91 -3.87 -15.40
CA MSE B 24 18.08 -3.14 -14.42
C MSE B 24 18.41 -3.53 -13.00
O MSE B 24 18.67 -2.67 -12.16
CB MSE B 24 16.59 -3.34 -14.68
CG MSE B 24 15.71 -2.47 -13.82
SE MSE B 24 13.81 -2.83 -14.11
CE MSE B 24 13.77 -4.69 -13.45
N ILE B 25 18.42 -4.80 -12.72
CA ILE B 25 18.79 -5.28 -11.40
C ILE B 25 20.22 -4.85 -11.00
N GLU B 26 21.20 -5.08 -11.88
CA GLU B 26 22.61 -4.72 -11.60
C GLU B 26 22.80 -3.24 -11.34
N GLN B 27 22.07 -2.41 -12.08
CA GLN B 27 22.21 -0.98 -11.96
C GLN B 27 21.51 -0.50 -10.70
N MSE B 28 20.50 -1.23 -10.26
CA MSE B 28 19.84 -0.96 -9.00
C MSE B 28 20.70 -1.41 -7.82
O MSE B 28 20.34 -1.15 -6.66
CB MSE B 28 18.46 -1.61 -8.94
CG MSE B 28 17.42 -0.87 -9.76
SE MSE B 28 15.71 -1.81 -9.78
CE MSE B 28 15.13 -1.16 -8.01
N ASN B 29 21.83 -2.07 -8.10
CA ASN B 29 22.74 -2.60 -7.09
C ASN B 29 22.13 -3.75 -6.26
N ALA B 30 21.15 -4.40 -6.87
CA ALA B 30 20.43 -5.51 -6.27
C ALA B 30 21.06 -6.89 -6.50
N SER B 31 22.20 -6.97 -7.19
CA SER B 31 22.76 -8.29 -7.47
C SER B 31 24.24 -8.39 -7.08
N GLU B 32 24.57 -7.77 -5.95
CA GLU B 32 25.93 -7.73 -5.43
C GLU B 32 26.31 -9.08 -4.84
N GLU B 33 25.31 -9.88 -4.48
CA GLU B 33 25.55 -11.21 -3.95
C GLU B 33 24.95 -12.33 -4.82
N ILE B 34 24.78 -12.08 -6.11
CA ILE B 34 24.21 -13.10 -7.00
C ILE B 34 24.64 -12.86 -8.44
N THR B 35 24.91 -13.95 -9.16
CA THR B 35 25.23 -13.86 -10.60
C THR B 35 23.94 -14.02 -11.42
N ILE B 36 23.73 -13.11 -12.37
CA ILE B 36 22.55 -13.12 -13.28
C ILE B 36 23.04 -13.49 -14.67
N HIS B 37 22.34 -14.42 -15.32
CA HIS B 37 22.65 -14.81 -16.70
C HIS B 37 21.46 -14.39 -17.60
N SER B 38 21.73 -13.57 -18.63
CA SER B 38 20.72 -13.26 -19.61
C SER B 38 20.66 -14.39 -20.64
N LEU B 39 19.60 -15.20 -20.56
CA LEU B 39 19.50 -16.36 -21.45
C LEU B 39 18.31 -16.34 -22.40
N GLY B 40 17.80 -15.16 -22.70
CA GLY B 40 16.74 -15.01 -23.70
C GLY B 40 17.18 -15.18 -25.15
N GLY B 41 16.27 -15.63 -26.00
CA GLY B 41 16.54 -15.72 -27.41
C GLY B 41 17.08 -17.07 -27.83
N THR B 42 17.11 -17.29 -29.12
CA THR B 42 17.79 -18.46 -29.64
C THR B 42 19.29 -18.17 -29.73
N SER B 43 20.05 -19.19 -30.13
CA SER B 43 21.51 -19.13 -30.27
C SER B 43 22.03 -17.90 -31.04
N ASP B 44 21.14 -17.19 -31.75
CA ASP B 44 21.55 -16.05 -32.59
C ASP B 44 20.79 -14.75 -32.31
N GLY B 45 20.10 -14.71 -31.17
CA GLY B 45 19.32 -13.53 -30.79
C GLY B 45 17.86 -13.51 -31.19
N SER B 46 17.46 -14.43 -32.08
CA SER B 46 16.06 -14.54 -32.53
C SER B 46 15.08 -14.75 -31.39
N LEU B 47 13.81 -14.39 -31.62
CA LEU B 47 12.75 -14.64 -30.64
C LEU B 47 12.51 -16.16 -30.55
N GLY B 48 12.74 -16.74 -29.37
CA GLY B 48 12.61 -18.16 -29.15
C GLY B 48 13.48 -18.61 -27.99
N SER B 49 13.40 -19.88 -27.62
CA SER B 49 14.24 -20.33 -26.51
C SER B 49 15.04 -21.59 -26.82
N ASP B 50 16.24 -21.68 -26.26
CA ASP B 50 17.14 -22.82 -26.44
C ASP B 50 17.51 -23.35 -25.06
N PRO B 51 17.13 -24.62 -24.76
CA PRO B 51 17.51 -25.23 -23.47
C PRO B 51 19.03 -25.41 -23.30
N MSE B 52 19.75 -25.49 -24.41
CA MSE B 52 21.20 -25.67 -24.38
C MSE B 52 21.94 -24.44 -23.83
O MSE B 52 23.07 -24.54 -23.39
CB MSE B 52 21.69 -26.04 -25.80
CG MSE B 52 22.93 -26.94 -25.82
SE MSE B 52 22.63 -28.69 -24.99
CE MSE B 52 21.27 -29.40 -26.20
N LYS B 53 21.28 -23.29 -23.79
CA LYS B 53 21.86 -22.08 -23.13
C LYS B 53 21.97 -22.24 -21.61
N ILE B 54 20.91 -22.82 -21.03
CA ILE B 54 20.84 -23.22 -19.64
C ILE B 54 21.87 -24.30 -19.33
N ILE B 55 21.85 -25.41 -20.10
CA ILE B 55 22.77 -26.52 -19.92
C ILE B 55 24.23 -26.03 -19.96
N ASP B 56 24.65 -25.40 -21.06
CA ASP B 56 25.99 -24.84 -21.15
C ASP B 56 26.32 -23.90 -19.97
N THR B 57 25.40 -23.00 -19.62
CA THR B 57 25.60 -22.11 -18.48
C THR B 57 25.89 -22.87 -17.19
N ILE B 58 25.05 -23.84 -16.86
CA ILE B 58 25.31 -24.72 -15.71
C ILE B 58 26.63 -25.51 -15.84
N ASN B 59 26.90 -26.03 -17.02
CA ASN B 59 28.14 -26.77 -17.24
C ASN B 59 29.40 -25.88 -17.18
N GLU B 60 29.26 -24.60 -17.51
CA GLU B 60 30.40 -23.68 -17.56
C GLU B 60 30.66 -23.01 -16.20
N ALA B 61 29.67 -23.10 -15.31
CA ALA B 61 29.76 -22.53 -13.96
C ALA B 61 30.47 -23.48 -12.99
N ASP B 62 30.87 -22.96 -11.82
CA ASP B 62 31.40 -23.78 -10.74
C ASP B 62 30.32 -24.73 -10.19
N SER B 63 30.74 -25.84 -9.57
CA SER B 63 29.83 -26.86 -9.03
C SER B 63 29.19 -26.45 -7.69
N ASP B 64 29.63 -25.32 -7.16
CA ASP B 64 29.19 -24.92 -5.84
C ASP B 64 28.17 -23.81 -5.84
N ARG B 65 27.43 -23.70 -6.97
CA ARG B 65 26.30 -22.80 -7.10
C ARG B 65 24.93 -23.49 -6.94
N GLU B 66 23.99 -22.73 -6.40
CA GLU B 66 22.55 -23.00 -6.56
C GLU B 66 22.05 -22.23 -7.74
N PHE B 67 21.37 -22.92 -8.65
CA PHE B 67 20.90 -22.27 -9.89
C PHE B 67 19.39 -22.13 -9.89
N LEU B 68 18.97 -20.86 -9.90
CA LEU B 68 17.54 -20.45 -9.91
C LEU B 68 17.06 -20.06 -11.29
N ILE B 69 16.10 -20.81 -11.80
CA ILE B 69 15.61 -20.64 -13.18
C ILE B 69 14.25 -19.94 -13.26
N PHE B 70 14.22 -18.75 -13.87
CA PHE B 70 12.99 -18.01 -14.15
C PHE B 70 12.70 -17.98 -15.68
N ALA B 71 11.43 -18.17 -16.03
CA ALA B 71 10.98 -18.05 -17.43
C ALA B 71 9.71 -17.21 -17.44
N ASP B 72 9.41 -16.62 -18.59
CA ASP B 72 8.12 -15.94 -18.69
C ASP B 72 7.05 -16.89 -19.23
N LEU B 73 7.20 -17.31 -20.48
CA LEU B 73 6.10 -17.87 -21.21
C LEU B 73 6.54 -18.88 -22.26
N GLY B 74 5.62 -19.75 -22.61
CA GLY B 74 5.75 -20.56 -23.79
C GLY B 74 6.86 -21.55 -23.78
N SER B 75 7.75 -21.42 -24.75
CA SER B 75 8.80 -22.39 -24.98
C SER B 75 9.97 -22.10 -24.04
N ALA B 76 10.00 -20.90 -23.48
CA ALA B 76 10.89 -20.58 -22.40
C ALA B 76 10.65 -21.53 -21.22
N VAL B 77 9.38 -21.74 -20.89
CA VAL B 77 8.98 -22.60 -19.80
C VAL B 77 9.38 -24.04 -20.12
N LEU B 78 9.00 -24.50 -21.31
CA LEU B 78 9.37 -25.82 -21.80
C LEU B 78 10.90 -26.02 -21.80
N SER B 79 11.64 -25.04 -22.32
N SER B 79 11.63 -25.05 -22.34
CA SER B 79 13.11 -25.11 -22.38
CA SER B 79 13.11 -25.11 -22.36
C SER B 79 13.77 -25.23 -20.99
C SER B 79 13.69 -25.32 -20.96
N SER B 80 13.18 -24.56 -20.01
CA SER B 80 13.60 -24.68 -18.60
C SER B 80 13.33 -26.07 -17.99
N GLU B 81 12.24 -26.71 -18.43
CA GLU B 81 11.87 -28.05 -17.94
C GLU B 81 12.69 -29.14 -18.62
N LEU B 82 12.89 -29.00 -19.93
CA LEU B 82 13.69 -29.97 -20.72
C LEU B 82 15.18 -29.97 -20.36
N ALA B 83 15.68 -28.82 -19.91
CA ALA B 83 17.08 -28.68 -19.50
C ALA B 83 17.36 -29.50 -18.28
N PHE B 84 16.42 -29.48 -17.34
CA PHE B 84 16.53 -30.22 -16.10
C PHE B 84 16.79 -31.71 -16.35
N ASP B 85 15.89 -32.35 -17.08
CA ASP B 85 16.04 -33.75 -17.48
C ASP B 85 17.33 -34.10 -18.23
N MSE B 86 18.07 -33.09 -18.69
CA MSE B 86 19.34 -33.29 -19.45
C MSE B 86 20.59 -33.28 -18.57
O MSE B 86 21.69 -33.69 -19.00
CB MSE B 86 19.49 -32.21 -20.54
CG MSE B 86 18.45 -32.25 -21.67
SE MSE B 86 18.41 -33.95 -22.59
CE MSE B 86 16.95 -34.89 -21.66
N LEU B 87 20.43 -32.81 -17.35
CA LEU B 87 21.53 -32.65 -16.43
C LEU B 87 21.89 -33.97 -15.70
N GLU B 88 23.15 -34.06 -15.26
CA GLU B 88 23.57 -35.11 -14.31
C GLU B 88 22.77 -35.00 -13.01
N GLU B 89 22.75 -36.09 -12.26
CA GLU B 89 22.04 -36.18 -10.98
C GLU B 89 22.55 -35.18 -9.92
N ASP B 90 23.87 -35.05 -9.78
CA ASP B 90 24.46 -34.06 -8.89
C ASP B 90 23.95 -32.64 -9.21
N GLN B 91 23.73 -32.37 -10.50
CA GLN B 91 23.36 -31.03 -10.99
C GLN B 91 21.89 -30.70 -10.77
N GLN B 92 21.03 -31.72 -10.85
CA GLN B 92 19.61 -31.59 -10.61
C GLN B 92 19.33 -31.12 -9.19
N LYS B 93 20.13 -31.57 -8.25
CA LYS B 93 19.97 -31.23 -6.83
C LYS B 93 20.25 -29.73 -6.57
N HIS B 94 20.96 -29.12 -7.52
CA HIS B 94 21.26 -27.70 -7.47
C HIS B 94 20.46 -26.86 -8.48
N TYR B 95 19.45 -27.46 -9.13
CA TYR B 95 18.66 -26.75 -10.16
C TYR B 95 17.23 -26.51 -9.68
N HIS B 96 16.86 -25.24 -9.63
CA HIS B 96 15.57 -24.84 -9.03
C HIS B 96 14.72 -24.03 -10.00
N LEU B 97 13.64 -24.66 -10.47
CA LEU B 97 12.63 -24.00 -11.29
C LEU B 97 11.77 -23.15 -10.36
N VAL B 98 11.83 -21.84 -10.54
CA VAL B 98 11.17 -20.98 -9.57
C VAL B 98 9.82 -20.61 -10.12
N ASP B 99 8.78 -21.10 -9.46
CA ASP B 99 7.42 -20.78 -9.87
C ASP B 99 7.08 -19.36 -9.47
N ALA B 100 7.51 -18.43 -10.31
CA ALA B 100 7.45 -17.00 -10.01
C ALA B 100 7.50 -16.20 -11.31
N PRO B 101 6.91 -14.98 -11.32
CA PRO B 101 7.01 -14.23 -12.56
C PRO B 101 8.44 -13.83 -12.82
N LEU B 102 8.76 -13.67 -14.11
CA LEU B 102 10.10 -13.46 -14.58
C LEU B 102 10.82 -12.22 -13.98
N VAL B 103 10.30 -11.01 -14.22
CA VAL B 103 10.95 -9.78 -13.72
C VAL B 103 10.93 -9.72 -12.18
N GLU B 104 9.71 -9.76 -11.63
CA GLU B 104 9.50 -9.61 -10.22
C GLU B 104 10.06 -10.74 -9.38
N GLY B 105 9.90 -11.99 -9.80
CA GLY B 105 10.56 -13.12 -9.11
C GLY B 105 12.08 -12.96 -9.03
N ALA B 106 12.71 -12.71 -10.17
CA ALA B 106 14.18 -12.57 -10.22
C ALA B 106 14.69 -11.43 -9.30
N PHE B 107 14.00 -10.30 -9.34
CA PHE B 107 14.42 -9.13 -8.57
C PHE B 107 14.30 -9.48 -7.10
N ALA B 108 13.17 -10.09 -6.72
CA ALA B 108 12.95 -10.57 -5.35
C ALA B 108 14.02 -11.61 -4.94
N SER B 109 14.25 -12.64 -5.76
CA SER B 109 15.38 -13.54 -5.45
C SER B 109 16.68 -12.76 -5.26
N ALA B 110 17.00 -11.85 -6.17
CA ALA B 110 18.28 -11.12 -6.11
C ALA B 110 18.44 -10.21 -4.89
N ILE B 111 17.37 -9.53 -4.50
CA ILE B 111 17.50 -8.56 -3.44
C ILE B 111 17.60 -9.27 -2.09
N THR B 112 17.04 -10.48 -1.99
CA THR B 112 17.04 -11.20 -0.70
C THR B 112 18.32 -12.05 -0.49
N ALA B 113 19.02 -12.36 -1.59
CA ALA B 113 20.35 -12.95 -1.51
C ALA B 113 21.40 -11.96 -0.98
N GLY B 114 21.12 -10.67 -1.08
CA GLY B 114 21.96 -9.64 -0.46
C GLY B 114 21.61 -9.44 1.01
N VAL B 115 20.77 -10.34 1.52
CA VAL B 115 20.21 -10.26 2.86
C VAL B 115 20.25 -11.65 3.50
N SER B 116 20.14 -12.70 2.69
CA SER B 116 20.01 -14.05 3.25
C SER B 116 20.91 -15.18 2.67
N ASP B 117 21.36 -16.02 3.60
CA ASP B 117 22.21 -17.19 3.35
C ASP B 117 21.34 -18.42 3.06
N ASP B 118 20.02 -18.20 3.01
CA ASP B 118 19.01 -19.25 3.11
C ASP B 118 18.18 -19.34 1.82
N LEU B 119 18.48 -20.40 1.05
CA LEU B 119 17.83 -20.68 -0.22
C LEU B 119 16.31 -20.89 -0.14
N THR B 120 15.81 -21.44 0.97
CA THR B 120 14.36 -21.58 1.17
C THR B 120 13.69 -20.20 1.14
N GLN B 121 14.31 -19.22 1.81
CA GLN B 121 13.76 -17.87 1.87
C GLN B 121 13.95 -17.10 0.56
N ILE B 122 15.10 -17.28 -0.07
CA ILE B 122 15.35 -16.72 -1.41
C ILE B 122 14.30 -17.24 -2.39
N LEU B 123 13.94 -18.50 -2.27
CA LEU B 123 12.94 -19.09 -3.15
C LEU B 123 11.53 -18.65 -2.80
N ALA B 124 11.25 -18.47 -1.51
CA ALA B 124 9.92 -18.08 -1.08
C ALA B 124 9.59 -16.65 -1.51
N GLU B 125 10.55 -15.76 -1.38
CA GLU B 125 10.33 -14.34 -1.75
C GLU B 125 9.91 -14.18 -3.22
N ALA B 126 10.69 -14.78 -4.14
CA ALA B 126 10.37 -14.79 -5.57
C ALA B 126 8.95 -15.33 -5.86
N GLN B 127 8.67 -16.54 -5.38
CA GLN B 127 7.36 -17.18 -5.47
C GLN B 127 6.19 -16.30 -4.99
N ASN B 128 6.52 -15.25 -4.24
CA ASN B 128 5.54 -14.31 -3.69
C ASN B 128 5.39 -12.98 -4.43
N ALA B 129 6.12 -12.81 -5.55
CA ALA B 129 6.49 -11.49 -6.17
C ALA B 129 5.53 -10.65 -7.07
N GLY B 130 4.74 -11.29 -7.92
CA GLY B 130 4.00 -10.55 -8.97
C GLY B 130 3.03 -9.40 -8.67
N LYS B 131 2.56 -9.25 -7.44
CA LYS B 131 1.48 -8.28 -7.17
C LYS B 131 1.98 -6.93 -6.66
N LYS B 132 1.08 -5.96 -6.70
CA LYS B 132 1.45 -4.55 -6.62
C LYS B 132 0.58 -3.82 -5.60
N GLY B 133 -0.43 -4.50 -5.05
CA GLY B 133 -1.46 -3.87 -4.24
C GLY B 133 -2.48 -3.15 -5.10
N TRP B 134 -2.81 -3.75 -6.25
CA TRP B 134 -3.65 -3.11 -7.28
C TRP B 134 -5.02 -3.77 -7.51
N ASN B 135 -5.75 -3.29 -8.52
CA ASN B 135 -7.10 -3.70 -8.90
C ASN B 135 -7.45 -3.15 -10.29
N ASN C 2 17.68 38.76 5.99
CA ASN C 2 16.25 38.35 5.94
C ASN C 2 16.07 36.84 6.06
N ALA C 3 15.01 36.42 6.74
CA ALA C 3 14.59 35.02 6.70
C ALA C 3 14.14 34.67 5.28
N MSE C 4 14.51 33.50 4.76
CA MSE C 4 13.91 33.10 3.49
C MSE C 4 12.48 32.63 3.68
O MSE C 4 12.13 32.11 4.72
CB MSE C 4 14.76 32.09 2.70
CG MSE C 4 14.63 30.64 3.03
SE MSE C 4 15.12 29.52 1.46
CE MSE C 4 16.82 30.34 0.93
N LYS C 5 11.64 32.88 2.68
CA LYS C 5 10.25 32.42 2.72
C LYS C 5 10.29 30.96 2.29
N ALA C 6 10.32 30.05 3.28
CA ALA C 6 10.56 28.62 3.04
C ALA C 6 9.43 27.75 3.59
N ASP C 7 8.92 26.88 2.74
CA ASP C 7 8.21 25.71 3.20
C ASP C 7 9.18 24.52 3.29
N ILE C 8 9.27 23.96 4.48
CA ILE C 8 10.07 22.76 4.71
C ILE C 8 9.20 21.47 4.67
N LEU C 9 9.44 20.64 3.66
CA LEU C 9 8.64 19.43 3.45
C LEU C 9 9.41 18.21 3.90
N LEU C 10 8.83 17.47 4.83
CA LEU C 10 9.50 16.33 5.44
C LEU C 10 8.83 15.08 4.94
N VAL C 11 9.60 14.24 4.22
CA VAL C 11 9.07 13.05 3.58
C VAL C 11 9.74 11.82 4.19
N SER C 12 8.93 10.80 4.50
CA SER C 12 9.36 9.54 5.10
C SER C 12 8.29 8.54 4.85
N HIS C 13 8.64 7.27 4.99
CA HIS C 13 7.67 6.18 5.15
C HIS C 13 6.84 6.41 6.43
N SER C 14 7.49 7.02 7.41
CA SER C 14 6.91 7.18 8.74
C SER C 14 6.40 8.59 8.98
N LYS C 15 5.10 8.70 9.23
CA LYS C 15 4.51 9.97 9.63
C LYS C 15 4.94 10.36 11.06
N MSE C 16 5.12 9.37 11.96
CA MSE C 16 5.73 9.61 13.28
C MSE C 16 7.09 10.34 13.20
O MSE C 16 7.38 11.23 13.98
CB MSE C 16 5.91 8.31 14.08
CG MSE C 16 4.67 7.43 14.21
SE MSE C 16 4.98 5.92 15.43
CE MSE C 16 4.77 6.95 17.10
N ILE C 17 7.93 9.92 12.24
CA ILE C 17 9.21 10.54 12.09
C ILE C 17 9.05 12.00 11.68
N THR C 18 8.23 12.20 10.65
CA THR C 18 7.97 13.53 10.13
C THR C 18 7.18 14.45 11.10
N ASP C 19 6.30 13.86 11.91
CA ASP C 19 5.56 14.59 12.91
C ASP C 19 6.53 14.97 14.03
N GLY C 20 7.41 14.04 14.38
CA GLY C 20 8.43 14.29 15.37
C GLY C 20 9.46 15.38 15.04
N ILE C 21 10.01 15.35 13.83
CA ILE C 21 10.89 16.45 13.34
C ILE C 21 10.17 17.83 13.34
N LYS C 22 8.94 17.88 12.84
CA LYS C 22 8.13 19.09 12.83
C LYS C 22 8.07 19.70 14.21
N GLU C 23 7.75 18.87 15.20
CA GLU C 23 7.70 19.29 16.59
C GLU C 23 9.02 19.87 17.13
N MSE C 24 10.15 19.27 16.79
CA MSE C 24 11.43 19.79 17.30
C MSE C 24 11.71 21.16 16.72
O MSE C 24 12.09 22.09 17.45
CB MSE C 24 12.58 18.87 16.98
CG MSE C 24 12.51 17.58 17.79
SE MSE C 24 13.98 16.35 17.51
CE MSE C 24 14.45 16.61 15.64
N ILE C 25 11.48 21.29 15.42
CA ILE C 25 11.69 22.51 14.63
C ILE C 25 10.78 23.67 15.04
N GLU C 26 9.52 23.37 15.28
CA GLU C 26 8.57 24.37 15.75
C GLU C 26 8.87 24.85 17.19
N GLN C 27 9.67 24.11 17.95
CA GLN C 27 10.22 24.63 19.22
C GLN C 27 11.22 25.77 19.02
N MSE C 28 12.12 25.58 18.08
CA MSE C 28 13.21 26.51 17.82
C MSE C 28 12.88 27.68 16.91
O MSE C 28 13.48 28.74 17.07
CB MSE C 28 14.42 25.79 17.23
CG MSE C 28 15.53 25.43 18.18
SE MSE C 28 15.99 26.60 19.66
CE MSE C 28 16.51 28.30 18.82
N ASN C 29 11.96 27.48 15.96
CA ASN C 29 11.62 28.49 14.95
C ASN C 29 10.96 29.80 15.45
N ALA C 30 11.57 30.93 15.11
CA ALA C 30 11.06 32.24 15.51
C ALA C 30 10.52 33.04 14.33
N SER C 31 10.55 32.44 13.14
CA SER C 31 10.27 33.14 11.92
C SER C 31 8.92 32.70 11.36
N GLU C 32 8.00 33.66 11.24
CA GLU C 32 6.67 33.43 10.66
C GLU C 32 6.79 33.08 9.17
N GLU C 33 7.95 33.37 8.60
CA GLU C 33 8.20 33.15 7.18
C GLU C 33 8.52 31.67 6.86
N ILE C 34 8.84 30.89 7.89
CA ILE C 34 9.08 29.45 7.77
C ILE C 34 7.85 28.61 8.17
N THR C 35 7.51 27.64 7.32
CA THR C 35 6.46 26.65 7.59
C THR C 35 7.00 25.21 7.44
N ILE C 36 6.62 24.34 8.36
CA ILE C 36 7.10 22.96 8.34
C ILE C 36 5.91 22.06 8.07
N HIS C 37 6.11 21.17 7.10
CA HIS C 37 5.06 20.25 6.67
C HIS C 37 5.54 18.85 6.87
N SER C 38 4.81 18.12 7.71
CA SER C 38 4.95 16.70 7.94
C SER C 38 4.25 15.83 6.87
N LEU C 39 5.01 15.38 5.85
CA LEU C 39 4.40 14.64 4.72
C LEU C 39 4.73 13.13 4.63
N GLY C 40 5.06 12.54 5.77
CA GLY C 40 5.31 11.11 5.88
C GLY C 40 4.02 10.31 5.98
N GLY C 41 4.11 9.07 5.49
CA GLY C 41 2.95 8.19 5.47
C GLY C 41 2.27 8.25 4.13
N THR C 42 1.37 7.29 3.89
CA THR C 42 0.56 7.24 2.68
C THR C 42 -0.69 8.07 2.97
N SER C 43 -1.63 8.07 2.02
CA SER C 43 -2.90 8.79 2.13
C SER C 43 -3.57 8.61 3.49
N ASP C 44 -3.61 7.36 3.98
CA ASP C 44 -4.19 7.05 5.30
C ASP C 44 -3.16 7.01 6.45
N GLY C 45 -1.96 7.54 6.19
CA GLY C 45 -0.91 7.57 7.19
C GLY C 45 -0.06 6.31 7.33
N SER C 46 -0.41 5.25 6.58
CA SER C 46 0.37 4.00 6.54
C SER C 46 1.81 4.21 6.15
N LEU C 47 2.62 3.17 6.36
CA LEU C 47 4.04 3.21 6.00
C LEU C 47 4.23 3.26 4.49
N GLY C 48 4.79 4.36 4.02
CA GLY C 48 4.99 4.59 2.60
C GLY C 48 4.90 6.08 2.34
N SER C 49 4.88 6.46 1.07
CA SER C 49 4.83 7.88 0.72
C SER C 49 3.99 8.10 -0.53
N ASP C 50 3.38 9.27 -0.61
CA ASP C 50 2.50 9.68 -1.71
C ASP C 50 3.03 11.01 -2.21
N PRO C 51 3.56 11.07 -3.46
CA PRO C 51 4.00 12.36 -4.00
C PRO C 51 2.86 13.37 -4.18
N MSE C 52 1.61 12.91 -4.17
CA MSE C 52 0.45 13.78 -4.14
C MSE C 52 0.41 14.67 -2.92
O MSE C 52 -0.05 15.79 -3.02
CB MSE C 52 -0.85 13.01 -4.30
CG MSE C 52 -1.08 12.54 -5.78
SE MSE C 52 -1.15 14.01 -7.12
CE MSE C 52 0.71 14.24 -7.58
N LYS C 53 0.92 14.18 -1.79
CA LYS C 53 1.05 15.01 -0.58
C LYS C 53 1.96 16.22 -0.77
N ILE C 54 3.07 16.04 -1.48
CA ILE C 54 4.03 17.10 -1.79
C ILE C 54 3.38 18.07 -2.78
N ILE C 55 2.77 17.49 -3.84
CA ILE C 55 2.05 18.25 -4.87
C ILE C 55 0.97 19.13 -4.26
N ASP C 56 0.07 18.52 -3.49
CA ASP C 56 -0.96 19.27 -2.77
C ASP C 56 -0.34 20.39 -1.95
N THR C 57 0.72 20.09 -1.21
CA THR C 57 1.40 21.13 -0.41
C THR C 57 1.84 22.29 -1.33
N ILE C 58 2.56 21.98 -2.40
CA ILE C 58 3.02 22.99 -3.34
C ILE C 58 1.82 23.83 -3.84
N ASN C 59 0.74 23.15 -4.24
CA ASN C 59 -0.45 23.81 -4.82
C ASN C 59 -1.25 24.72 -3.88
N GLU C 60 -1.20 24.41 -2.58
CA GLU C 60 -1.81 25.27 -1.58
C GLU C 60 -0.95 26.49 -1.27
N ALA C 61 0.36 26.37 -1.48
CA ALA C 61 1.34 27.41 -1.09
C ALA C 61 1.32 28.67 -1.98
N ASP C 62 1.51 29.84 -1.36
CA ASP C 62 1.73 31.10 -2.11
C ASP C 62 2.99 30.99 -2.97
N SER C 63 2.99 31.71 -4.09
CA SER C 63 3.99 31.50 -5.14
C SER C 63 5.32 32.29 -4.96
N ASP C 64 5.55 32.80 -3.77
CA ASP C 64 6.81 33.51 -3.51
C ASP C 64 7.71 32.72 -2.56
N ARG C 65 7.35 31.47 -2.32
CA ARG C 65 8.02 30.64 -1.33
C ARG C 65 8.88 29.60 -2.00
N GLU C 66 10.04 29.38 -1.40
CA GLU C 66 10.93 28.28 -1.77
C GLU C 66 10.47 26.99 -1.11
N PHE C 67 10.62 25.87 -1.82
CA PHE C 67 10.32 24.57 -1.23
C PHE C 67 11.58 23.71 -0.97
N LEU C 68 11.87 23.48 0.30
CA LEU C 68 13.02 22.69 0.73
C LEU C 68 12.57 21.27 1.12
N ILE C 69 12.87 20.31 0.25
CA ILE C 69 12.38 18.91 0.34
C ILE C 69 13.41 17.99 0.97
N PHE C 70 13.06 17.36 2.09
CA PHE C 70 13.94 16.40 2.77
C PHE C 70 13.23 15.06 2.82
N ALA C 71 14.01 14.00 2.60
CA ALA C 71 13.55 12.63 2.57
C ALA C 71 14.65 11.85 3.27
N ASP C 72 14.29 10.68 3.81
CA ASP C 72 15.28 9.79 4.39
C ASP C 72 15.67 8.69 3.41
N LEU C 73 14.70 7.84 3.07
CA LEU C 73 14.98 6.70 2.23
C LEU C 73 13.83 6.12 1.40
N GLY C 74 14.20 5.15 0.57
CA GLY C 74 13.27 4.33 -0.16
C GLY C 74 12.27 5.16 -0.92
N SER C 75 11.00 4.99 -0.56
CA SER C 75 9.89 5.49 -1.35
C SER C 75 9.71 6.98 -1.15
N ALA C 76 10.31 7.51 -0.07
CA ALA C 76 10.29 8.95 0.24
C ALA C 76 11.16 9.75 -0.71
N VAL C 77 12.28 9.16 -1.09
CA VAL C 77 13.19 9.75 -2.05
C VAL C 77 12.54 9.77 -3.43
N LEU C 78 11.96 8.64 -3.83
CA LEU C 78 11.27 8.47 -5.10
C LEU C 78 10.11 9.45 -5.25
N SER C 79 9.33 9.62 -4.19
CA SER C 79 8.17 10.50 -4.16
C SER C 79 8.59 11.96 -4.37
N SER C 80 9.66 12.34 -3.69
CA SER C 80 10.21 13.69 -3.74
C SER C 80 10.75 14.03 -5.14
N GLU C 81 11.31 13.02 -5.83
CA GLU C 81 11.79 13.17 -7.21
C GLU C 81 10.62 13.14 -8.25
N LEU C 82 9.68 12.22 -8.10
CA LEU C 82 8.48 12.17 -8.97
C LEU C 82 7.61 13.42 -8.87
N ALA C 83 7.52 14.02 -7.68
CA ALA C 83 6.67 15.22 -7.49
C ALA C 83 7.02 16.37 -8.42
N PHE C 84 8.32 16.62 -8.57
CA PHE C 84 8.89 17.65 -9.41
C PHE C 84 8.37 17.58 -10.84
N ASP C 85 8.34 16.36 -11.38
CA ASP C 85 7.94 16.11 -12.77
C ASP C 85 6.56 16.66 -13.03
N MSE C 86 5.76 16.68 -11.98
CA MSE C 86 4.35 17.03 -12.07
C MSE C 86 4.05 18.51 -11.95
O MSE C 86 2.94 18.92 -12.22
CB MSE C 86 3.53 16.28 -11.00
CG MSE C 86 3.64 14.76 -11.10
SE MSE C 86 2.98 14.09 -12.81
CE MSE C 86 4.63 13.95 -13.89
N LEU C 87 5.05 19.31 -11.56
CA LEU C 87 4.82 20.73 -11.27
C LEU C 87 4.84 21.65 -12.48
N GLU C 88 4.21 22.81 -12.35
CA GLU C 88 4.31 23.81 -13.43
C GLU C 88 5.70 24.48 -13.38
N GLU C 89 6.11 25.10 -14.49
CA GLU C 89 7.45 25.73 -14.58
C GLU C 89 7.86 26.65 -13.40
N ASP C 90 6.97 27.57 -12.99
CA ASP C 90 7.31 28.52 -11.90
C ASP C 90 7.48 27.84 -10.56
N GLN C 91 6.65 26.81 -10.32
CA GLN C 91 6.73 25.98 -9.10
C GLN C 91 8.02 25.18 -9.05
N GLN C 92 8.37 24.58 -10.20
CA GLN C 92 9.59 23.78 -10.36
C GLN C 92 10.89 24.53 -10.08
N LYS C 93 10.90 25.84 -10.27
CA LYS C 93 12.11 26.61 -9.99
C LYS C 93 12.13 27.08 -8.55
N HIS C 94 11.05 26.83 -7.81
CA HIS C 94 11.07 27.01 -6.35
C HIS C 94 11.25 25.69 -5.62
N TYR C 95 11.41 24.59 -6.36
CA TYR C 95 11.42 23.25 -5.75
C TYR C 95 12.83 22.77 -5.61
N HIS C 96 13.24 22.57 -4.36
CA HIS C 96 14.64 22.25 -4.07
C HIS C 96 14.76 21.00 -3.21
N LEU C 97 15.26 19.94 -3.85
CA LEU C 97 15.65 18.71 -3.19
C LEU C 97 16.91 18.96 -2.44
N VAL C 98 16.87 18.74 -1.13
CA VAL C 98 18.07 18.97 -0.31
C VAL C 98 18.80 17.67 -0.02
N ASP C 99 20.05 17.63 -0.45
CA ASP C 99 20.86 16.45 -0.23
C ASP C 99 21.41 16.53 1.21
N ALA C 100 20.66 15.93 2.14
CA ALA C 100 20.91 16.06 3.53
C ALA C 100 20.21 14.90 4.23
N PRO C 101 20.75 14.45 5.38
CA PRO C 101 19.98 13.58 6.29
C PRO C 101 18.65 14.24 6.68
N LEU C 102 17.58 13.44 6.72
CA LEU C 102 16.27 13.96 7.08
C LEU C 102 16.15 14.76 8.40
N VAL C 103 16.57 14.18 9.51
CA VAL C 103 16.32 14.86 10.79
C VAL C 103 17.29 16.02 10.92
N GLU C 104 18.58 15.70 10.84
CA GLU C 104 19.62 16.66 11.15
C GLU C 104 19.67 17.77 10.11
N GLY C 105 19.42 17.41 8.84
CA GLY C 105 19.41 18.37 7.73
C GLY C 105 18.26 19.37 7.76
N ALA C 106 17.03 18.86 7.92
CA ALA C 106 15.85 19.72 8.07
C ALA C 106 15.98 20.68 9.23
N PHE C 107 16.39 20.16 10.39
CA PHE C 107 16.59 21.01 11.59
C PHE C 107 17.66 22.10 11.35
N ALA C 108 18.82 21.72 10.86
CA ALA C 108 19.87 22.68 10.59
C ALA C 108 19.41 23.70 9.53
N SER C 109 18.61 23.24 8.56
CA SER C 109 18.14 24.11 7.50
C SER C 109 17.12 25.15 7.97
N ALA C 110 16.24 24.71 8.87
CA ALA C 110 15.26 25.60 9.52
C ALA C 110 15.95 26.74 10.26
N ILE C 111 17.01 26.42 11.00
CA ILE C 111 17.77 27.40 11.78
C ILE C 111 18.27 28.49 10.83
N THR C 112 19.05 28.09 9.81
CA THR C 112 19.69 29.04 8.90
C THR C 112 18.67 29.86 8.10
N ALA C 113 17.63 29.21 7.56
CA ALA C 113 16.57 29.92 6.81
C ALA C 113 15.83 31.05 7.58
N GLY C 114 15.81 30.98 8.91
CA GLY C 114 15.23 32.04 9.77
C GLY C 114 16.09 33.32 9.86
N VAL C 115 17.36 33.20 9.48
CA VAL C 115 18.33 34.26 9.66
C VAL C 115 18.90 34.72 8.29
N SER C 116 18.66 33.92 7.24
CA SER C 116 19.33 34.12 5.95
C SER C 116 18.46 33.54 4.83
N ASP C 117 18.41 34.24 3.68
CA ASP C 117 17.90 33.66 2.42
C ASP C 117 18.92 33.15 1.36
N ASP C 118 20.16 32.89 1.78
CA ASP C 118 21.24 32.37 0.92
C ASP C 118 21.04 30.85 0.75
N LEU C 119 20.29 30.49 -0.27
CA LEU C 119 19.99 29.11 -0.58
C LEU C 119 21.24 28.20 -0.62
N THR C 120 22.27 28.63 -1.34
CA THR C 120 23.54 27.90 -1.51
C THR C 120 24.21 27.49 -0.20
N GLN C 121 24.17 28.39 0.79
CA GLN C 121 24.70 28.15 2.13
C GLN C 121 23.81 27.18 2.90
N ILE C 122 22.50 27.39 2.84
CA ILE C 122 21.51 26.50 3.44
C ILE C 122 21.70 25.08 2.92
N LEU C 123 21.80 24.93 1.60
CA LEU C 123 22.01 23.65 0.94
C LEU C 123 23.34 23.00 1.31
N ALA C 124 24.42 23.79 1.33
CA ALA C 124 25.74 23.25 1.64
C ALA C 124 25.84 22.84 3.11
N GLU C 125 25.21 23.61 4.00
CA GLU C 125 25.22 23.31 5.42
C GLU C 125 24.17 22.25 5.81
N ALA C 126 23.26 21.91 4.89
CA ALA C 126 22.35 20.80 5.13
C ALA C 126 23.11 19.47 4.95
N GLN C 127 23.92 19.37 3.89
CA GLN C 127 24.67 18.14 3.57
C GLN C 127 25.64 17.66 4.64
N ASN C 128 26.30 18.58 5.34
CA ASN C 128 27.24 18.19 6.39
C ASN C 128 26.65 18.28 7.80
N ALA C 129 25.32 18.18 7.90
CA ALA C 129 24.64 18.12 9.20
C ALA C 129 24.54 16.69 9.73
N GLY C 130 24.43 16.55 11.04
CA GLY C 130 24.44 15.23 11.67
C GLY C 130 25.75 14.48 11.60
N LYS C 131 26.83 15.23 11.29
CA LYS C 131 28.17 14.78 11.57
C LYS C 131 28.36 14.97 13.06
N LYS C 132 28.68 13.90 13.76
CA LYS C 132 28.78 14.01 15.20
C LYS C 132 30.19 14.18 15.75
N GLY C 133 31.20 13.86 14.95
CA GLY C 133 32.58 13.91 15.45
C GLY C 133 32.91 12.76 16.39
N TRP C 134 32.23 11.62 16.20
CA TRP C 134 32.52 10.42 16.96
C TRP C 134 33.56 9.60 16.20
N ASN C 135 34.82 9.76 16.58
CA ASN C 135 35.96 9.34 15.77
C ASN C 135 36.67 8.08 16.27
N ASN D 2 27.02 -14.98 8.47
CA ASN D 2 27.12 -14.83 9.94
C ASN D 2 26.66 -13.42 10.38
N ALA D 3 25.78 -13.37 11.38
CA ALA D 3 25.16 -12.12 11.81
C ALA D 3 25.61 -11.63 13.20
N MSE D 4 25.72 -10.29 13.34
CA MSE D 4 26.16 -9.65 14.57
C MSE D 4 25.13 -9.79 15.71
O MSE D 4 23.93 -9.82 15.46
CB MSE D 4 26.50 -8.18 14.32
CG MSE D 4 27.53 -7.57 15.29
SE MSE D 4 27.78 -5.62 15.13
CE MSE D 4 25.92 -5.08 14.92
N LYS D 5 25.62 -9.91 16.95
CA LYS D 5 24.78 -9.88 18.14
C LYS D 5 24.70 -8.44 18.67
N ALA D 6 23.88 -7.64 18.01
CA ALA D 6 23.87 -6.20 18.20
C ALA D 6 22.50 -5.66 18.64
N ASP D 7 22.55 -4.73 19.58
CA ASP D 7 21.40 -3.90 19.92
C ASP D 7 21.59 -2.49 19.40
N ILE D 8 20.62 -2.02 18.63
CA ILE D 8 20.67 -0.65 18.10
C ILE D 8 19.84 0.29 18.98
N LEU D 9 20.52 1.32 19.48
CA LEU D 9 19.91 2.26 20.40
C LEU D 9 19.68 3.57 19.68
N LEU D 10 18.41 3.99 19.61
CA LEU D 10 18.05 5.23 18.90
C LEU D 10 17.83 6.40 19.88
N VAL D 11 18.66 7.44 19.80
CA VAL D 11 18.57 8.56 20.75
C VAL D 11 18.17 9.89 20.07
N SER D 12 17.12 10.51 20.61
CA SER D 12 16.56 11.73 20.06
C SER D 12 15.81 12.50 21.16
N HIS D 13 15.60 13.80 20.97
CA HIS D 13 14.64 14.49 21.80
C HIS D 13 13.25 13.87 21.56
N SER D 14 13.00 13.42 20.34
CA SER D 14 11.66 12.96 19.98
C SER D 14 11.51 11.45 20.10
N LYS D 15 10.64 11.04 21.02
CA LYS D 15 10.15 9.66 21.06
C LYS D 15 9.36 9.24 19.83
N MSE D 16 8.73 10.17 19.13
CA MSE D 16 8.02 9.87 17.89
C MSE D 16 8.96 9.41 16.77
O MSE D 16 8.65 8.46 16.04
CB MSE D 16 7.17 11.06 17.42
CG MSE D 16 6.05 11.43 18.34
SE MSE D 16 4.91 12.78 17.51
CE MSE D 16 3.58 11.59 16.68
N ILE D 17 10.09 10.12 16.67
CA ILE D 17 11.14 9.85 15.69
C ILE D 17 11.70 8.48 15.90
N THR D 18 12.04 8.13 17.15
CA THR D 18 12.68 6.82 17.43
C THR D 18 11.71 5.64 17.32
N ASP D 19 10.45 5.87 17.71
CA ASP D 19 9.31 4.97 17.43
C ASP D 19 9.08 4.75 15.92
N GLY D 20 9.18 5.83 15.15
CA GLY D 20 8.96 5.77 13.72
C GLY D 20 10.06 4.98 13.04
N ILE D 21 11.31 5.31 13.38
CA ILE D 21 12.48 4.59 12.91
C ILE D 21 12.39 3.09 13.21
N LYS D 22 11.98 2.75 14.44
CA LYS D 22 11.89 1.37 14.87
C LYS D 22 10.83 0.59 14.07
N GLU D 23 9.70 1.24 13.84
CA GLU D 23 8.59 0.66 13.05
C GLU D 23 9.00 0.34 11.61
N MSE D 24 9.72 1.26 10.97
CA MSE D 24 10.26 1.02 9.63
C MSE D 24 11.26 -0.13 9.54
O MSE D 24 11.23 -0.89 8.57
CB MSE D 24 10.91 2.26 9.06
CG MSE D 24 10.04 3.46 9.04
SE MSE D 24 11.01 4.78 8.00
CE MSE D 24 12.88 4.60 8.59
N ILE D 25 12.14 -0.21 10.53
CA ILE D 25 13.12 -1.30 10.68
C ILE D 25 12.45 -2.66 10.92
N GLU D 26 11.41 -2.67 11.75
CA GLU D 26 10.71 -3.91 12.05
C GLU D 26 9.77 -4.39 10.94
N GLN D 27 9.46 -3.51 9.99
CA GLN D 27 8.67 -3.90 8.82
C GLN D 27 9.60 -4.47 7.76
N MSE D 28 10.86 -4.09 7.84
CA MSE D 28 11.94 -4.57 6.97
C MSE D 28 12.63 -5.80 7.56
O MSE D 28 13.28 -6.55 6.82
CB MSE D 28 12.95 -3.45 6.74
CG MSE D 28 12.58 -2.55 5.59
SE MSE D 28 13.41 -3.16 3.91
CE MSE D 28 11.91 -2.74 2.68
N ASN D 29 12.53 -5.98 8.87
CA ASN D 29 12.84 -7.25 9.55
C ASN D 29 14.07 -7.99 9.00
N GLU D 32 14.87 -11.36 13.98
CA GLU D 32 15.38 -10.55 15.07
C GLU D 32 16.44 -11.28 15.91
N GLU D 33 17.70 -10.95 15.62
CA GLU D 33 18.82 -11.21 16.53
C GLU D 33 19.39 -9.84 16.82
N ILE D 34 18.87 -8.86 16.07
CA ILE D 34 19.19 -7.46 16.29
C ILE D 34 17.95 -6.82 16.91
N THR D 35 18.11 -6.39 18.15
CA THR D 35 17.02 -5.73 18.86
C THR D 35 17.09 -4.22 18.67
N ILE D 36 15.93 -3.60 18.41
CA ILE D 36 15.84 -2.14 18.28
C ILE D 36 15.26 -1.50 19.54
N HIS D 37 15.91 -0.45 20.01
CA HIS D 37 15.41 0.31 21.15
C HIS D 37 15.13 1.74 20.77
N SER D 38 13.89 2.15 21.04
CA SER D 38 13.44 3.53 20.80
C SER D 38 13.71 4.27 22.11
N LEU D 39 14.73 5.11 22.14
CA LEU D 39 15.10 5.72 23.40
C LEU D 39 14.93 7.23 23.31
N GLY D 40 13.99 7.66 22.48
CA GLY D 40 13.68 9.08 22.38
C GLY D 40 12.94 9.63 23.59
N GLY D 41 13.09 10.91 23.83
CA GLY D 41 12.33 11.54 24.88
C GLY D 41 12.93 11.47 26.28
N THR D 42 12.30 12.19 27.18
CA THR D 42 12.62 12.12 28.61
C THR D 42 11.86 10.90 29.19
N SER D 43 12.06 10.64 30.49
CA SER D 43 11.44 9.49 31.14
C SER D 43 9.93 9.52 31.00
N ASP D 44 9.33 10.72 31.09
CA ASP D 44 7.89 10.83 30.89
C ASP D 44 7.50 11.00 29.41
N GLY D 45 8.48 10.87 28.51
CA GLY D 45 8.21 10.92 27.07
C GLY D 45 8.28 12.28 26.40
N SER D 46 8.51 13.31 27.21
CA SER D 46 8.66 14.67 26.71
C SER D 46 9.90 14.87 25.86
N LEU D 47 9.97 16.05 25.24
CA LEU D 47 11.04 16.40 24.33
C LEU D 47 12.28 16.59 25.18
N GLY D 48 13.30 15.77 24.90
CA GLY D 48 14.57 15.83 25.62
C GLY D 48 15.22 14.47 25.60
N SER D 49 16.43 14.40 26.14
CA SER D 49 17.26 13.18 26.22
C SER D 49 17.64 12.89 27.68
N ASP D 50 17.89 11.63 27.99
CA ASP D 50 18.28 11.17 29.34
C ASP D 50 19.21 9.96 29.19
N PRO D 51 20.51 10.10 29.56
CA PRO D 51 21.51 9.01 29.48
C PRO D 51 21.15 7.75 30.31
N MSE D 52 20.35 7.93 31.34
CA MSE D 52 19.88 6.84 32.17
C MSE D 52 19.06 5.86 31.38
O MSE D 52 19.13 4.69 31.62
CB MSE D 52 19.10 7.37 33.39
CG MSE D 52 20.02 7.86 34.51
SE MSE D 52 21.42 6.53 34.95
CE MSE D 52 22.89 7.70 35.48
N LYS D 53 18.30 6.33 30.40
CA LYS D 53 17.67 5.46 29.39
C LYS D 53 18.66 4.57 28.65
N ILE D 54 19.81 5.12 28.24
CA ILE D 54 20.81 4.27 27.60
C ILE D 54 21.34 3.22 28.58
N ILE D 55 21.74 3.65 29.78
CA ILE D 55 22.29 2.74 30.78
C ILE D 55 21.31 1.66 31.22
N ASP D 56 20.04 2.03 31.41
CA ASP D 56 18.98 1.07 31.76
C ASP D 56 18.88 -0.02 30.69
N THR D 57 18.85 0.40 29.45
CA THR D 57 18.84 -0.54 28.33
C THR D 57 20.02 -1.53 28.36
N ILE D 58 21.23 -1.01 28.53
CA ILE D 58 22.43 -1.87 28.60
C ILE D 58 22.37 -2.87 29.79
N ASN D 59 21.98 -2.37 30.96
CA ASN D 59 21.82 -3.23 32.13
C ASN D 59 20.72 -4.30 32.01
N GLU D 60 19.71 -4.06 31.17
CA GLU D 60 18.66 -5.07 30.93
C GLU D 60 19.11 -6.13 29.95
N ALA D 61 20.20 -5.85 29.24
CA ALA D 61 20.64 -6.69 28.14
C ALA D 61 21.42 -7.91 28.60
N ASP D 62 21.34 -8.96 27.78
CA ASP D 62 22.24 -10.09 27.87
C ASP D 62 23.66 -9.72 27.42
N ASP D 64 28.89 -9.28 25.48
CA ASP D 64 28.45 -10.35 24.58
C ASP D 64 27.48 -9.83 23.51
N ARG D 65 26.58 -8.91 23.87
CA ARG D 65 25.89 -8.12 22.86
C ARG D 65 26.69 -6.86 22.62
N GLU D 66 26.70 -6.43 21.36
CA GLU D 66 27.24 -5.14 21.00
C GLU D 66 26.13 -4.08 21.05
N PHE D 67 26.49 -2.85 21.46
CA PHE D 67 25.55 -1.74 21.50
C PHE D 67 25.92 -0.63 20.50
N LEU D 68 25.03 -0.44 19.53
CA LEU D 68 25.20 0.48 18.44
C LEU D 68 24.34 1.71 18.65
N ILE D 69 24.98 2.85 18.83
CA ILE D 69 24.33 4.06 19.33
C ILE D 69 24.18 5.16 18.28
N PHE D 70 22.93 5.55 18.05
CA PHE D 70 22.59 6.54 17.03
C PHE D 70 21.90 7.69 17.75
N ALA D 71 22.25 8.91 17.36
CA ALA D 71 21.62 10.10 17.90
C ALA D 71 21.49 11.17 16.79
N ASP D 72 20.62 12.15 17.01
CA ASP D 72 20.42 13.13 15.97
C ASP D 72 21.08 14.44 16.33
N LEU D 73 20.69 15.04 17.44
CA LEU D 73 21.16 16.40 17.73
C LEU D 73 20.91 16.83 19.17
N GLY D 74 21.59 17.91 19.55
CA GLY D 74 21.36 18.60 20.82
C GLY D 74 21.80 17.68 21.92
N SER D 75 21.02 17.62 22.99
CA SER D 75 21.38 16.82 24.15
C SER D 75 21.38 15.31 23.90
N ALA D 76 20.61 14.86 22.89
CA ALA D 76 20.67 13.45 22.45
C ALA D 76 22.09 12.97 22.11
N VAL D 77 22.85 13.81 21.44
CA VAL D 77 24.27 13.57 21.18
C VAL D 77 25.11 13.65 22.49
N LEU D 78 24.99 14.72 23.26
CA LEU D 78 25.69 14.76 24.55
C LEU D 78 25.35 13.53 25.42
N SER D 79 24.06 13.22 25.54
CA SER D 79 23.62 12.03 26.32
C SER D 79 24.30 10.73 25.93
N SER D 80 24.30 10.43 24.63
CA SER D 80 25.06 9.31 24.08
C SER D 80 26.54 9.26 24.58
N GLU D 81 27.18 10.42 24.63
CA GLU D 81 28.58 10.51 25.06
C GLU D 81 28.70 10.27 26.57
N LEU D 82 27.82 10.91 27.34
CA LEU D 82 27.87 10.81 28.80
C LEU D 82 27.63 9.39 29.28
N ALA D 83 26.79 8.65 28.55
CA ALA D 83 26.46 7.26 28.88
C ALA D 83 27.66 6.33 28.99
N PHE D 84 28.65 6.52 28.11
CA PHE D 84 29.87 5.70 28.08
C PHE D 84 30.69 5.72 29.38
N ASP D 85 30.81 6.90 29.97
CA ASP D 85 31.59 7.06 31.18
C ASP D 85 30.85 6.56 32.41
N MSE D 86 29.57 6.26 32.26
CA MSE D 86 28.74 5.75 33.36
C MSE D 86 28.73 4.21 33.41
O MSE D 86 28.13 3.61 34.31
CB MSE D 86 27.32 6.25 33.22
CG MSE D 86 27.17 7.77 33.26
SE MSE D 86 25.31 8.38 33.03
CE MSE D 86 24.72 7.30 31.54
N LEU D 87 29.41 3.61 32.44
CA LEU D 87 29.47 2.15 32.30
C LEU D 87 30.69 1.56 32.97
N GLU D 88 30.50 0.38 33.57
CA GLU D 88 31.59 -0.50 33.99
C GLU D 88 32.59 -0.73 32.85
N GLU D 89 33.86 -0.86 33.18
CA GLU D 89 34.92 -1.05 32.17
C GLU D 89 34.62 -2.21 31.21
N ASP D 90 33.84 -3.17 31.69
CA ASP D 90 33.47 -4.39 30.96
C ASP D 90 32.37 -4.12 29.94
N GLN D 91 31.59 -3.06 30.19
CA GLN D 91 30.51 -2.67 29.32
C GLN D 91 30.99 -1.73 28.17
N GLN D 92 32.00 -0.91 28.48
CA GLN D 92 32.52 0.10 27.55
C GLN D 92 33.00 -0.43 26.20
N LYS D 93 33.57 -1.62 26.20
CA LYS D 93 34.14 -2.20 24.97
C LYS D 93 33.02 -2.56 23.98
N HIS D 94 31.82 -2.79 24.52
CA HIS D 94 30.65 -3.18 23.75
C HIS D 94 29.80 -1.98 23.36
N TYR D 95 30.27 -0.80 23.72
CA TYR D 95 29.53 0.47 23.48
C TYR D 95 30.10 1.22 22.28
N HIS D 96 29.30 1.27 21.20
CA HIS D 96 29.75 1.85 19.93
C HIS D 96 28.97 3.07 19.52
N LEU D 97 29.51 4.25 19.77
CA LEU D 97 28.97 5.46 19.19
C LEU D 97 29.21 5.46 17.70
N VAL D 98 28.10 5.39 16.95
CA VAL D 98 28.14 5.35 15.49
C VAL D 98 27.90 6.75 14.92
N ASP D 99 28.87 7.24 14.16
CA ASP D 99 28.76 8.56 13.55
C ASP D 99 28.05 8.49 12.22
N ALA D 100 26.75 8.75 12.24
CA ALA D 100 25.92 8.52 11.09
C ALA D 100 24.68 9.35 11.26
N PRO D 101 23.97 9.69 10.15
CA PRO D 101 22.63 10.29 10.31
C PRO D 101 21.72 9.36 11.10
N LEU D 102 20.92 9.90 12.02
CA LEU D 102 20.00 9.09 12.84
C LEU D 102 19.09 8.07 12.10
N VAL D 103 18.22 8.53 11.22
CA VAL D 103 17.29 7.65 10.52
C VAL D 103 18.00 6.73 9.52
N GLU D 104 18.81 7.32 8.64
CA GLU D 104 19.32 6.56 7.51
C GLU D 104 20.44 5.63 7.94
N GLY D 105 21.18 6.03 8.98
CA GLY D 105 22.33 5.28 9.47
C GLY D 105 21.85 4.10 10.26
N ALA D 106 20.77 4.31 10.99
CA ALA D 106 20.19 3.30 11.86
C ALA D 106 19.59 2.19 11.02
N PHE D 107 18.71 2.56 10.10
CA PHE D 107 18.13 1.65 9.13
C PHE D 107 19.23 0.92 8.34
N ALA D 108 20.21 1.65 7.80
CA ALA D 108 21.32 1.01 7.05
C ALA D 108 22.04 -0.05 7.89
N SER D 109 22.26 0.30 9.15
CA SER D 109 22.98 -0.60 10.03
C SER D 109 22.15 -1.80 10.47
N ALA D 110 20.83 -1.63 10.58
CA ALA D 110 19.98 -2.81 10.86
C ALA D 110 20.14 -3.85 9.75
N ILE D 111 20.04 -3.44 8.49
CA ILE D 111 20.28 -4.33 7.36
C ILE D 111 21.62 -5.06 7.57
N THR D 112 22.73 -4.34 7.48
CA THR D 112 24.07 -4.92 7.42
C THR D 112 24.41 -5.87 8.55
N ALA D 113 24.06 -5.47 9.77
CA ALA D 113 24.34 -6.25 10.96
C ALA D 113 23.72 -7.65 10.92
N GLY D 114 22.74 -7.85 10.04
CA GLY D 114 22.10 -9.17 9.89
C GLY D 114 22.85 -10.08 8.94
N VAL D 115 23.91 -9.55 8.34
CA VAL D 115 24.66 -10.23 7.28
C VAL D 115 26.16 -10.19 7.63
N SER D 116 26.48 -9.47 8.71
CA SER D 116 27.87 -9.16 9.05
C SER D 116 28.06 -8.90 10.53
N ASP D 117 29.15 -9.44 11.09
CA ASP D 117 29.64 -9.03 12.42
C ASP D 117 30.79 -8.02 12.32
N ASP D 118 31.16 -7.67 11.10
CA ASP D 118 32.24 -6.73 10.87
C ASP D 118 31.84 -5.32 11.33
N LEU D 119 32.44 -4.89 12.44
CA LEU D 119 32.15 -3.60 13.05
C LEU D 119 32.61 -2.43 12.18
N THR D 120 33.88 -2.48 11.77
CA THR D 120 34.46 -1.47 10.91
C THR D 120 33.49 -1.23 9.75
N GLN D 121 33.09 -2.32 9.07
CA GLN D 121 32.16 -2.26 7.93
C GLN D 121 30.81 -1.61 8.24
N ILE D 122 30.16 -2.02 9.34
CA ILE D 122 28.88 -1.44 9.76
C ILE D 122 29.04 0.03 10.12
N LEU D 123 30.11 0.34 10.85
CA LEU D 123 30.44 1.72 11.19
C LEU D 123 30.70 2.59 9.95
N ALA D 124 31.46 2.07 9.00
CA ALA D 124 31.83 2.81 7.80
C ALA D 124 30.62 3.05 6.90
N GLU D 125 29.69 2.11 6.92
CA GLU D 125 28.55 2.15 6.02
C GLU D 125 27.41 3.05 6.52
N ALA D 126 27.14 2.99 7.84
CA ALA D 126 26.20 3.90 8.46
C ALA D 126 26.63 5.34 8.24
N GLN D 127 27.92 5.60 8.35
CA GLN D 127 28.45 6.96 8.11
C GLN D 127 28.19 7.44 6.67
N ASN D 128 28.24 6.50 5.72
CA ASN D 128 27.91 6.75 4.31
C ASN D 128 26.41 6.89 3.98
N ALA D 129 25.53 6.51 4.90
CA ALA D 129 24.07 6.44 4.63
C ALA D 129 23.45 7.81 4.43
N GLY D 130 22.34 7.85 3.69
CA GLY D 130 21.53 9.06 3.60
C GLY D 130 21.96 10.12 2.60
N LYS D 131 22.99 9.80 1.81
CA LYS D 131 23.32 10.58 0.63
C LYS D 131 22.29 10.29 -0.48
N LYS D 132 21.59 11.33 -0.94
CA LYS D 132 20.48 11.15 -1.86
C LYS D 132 20.92 11.16 -3.34
N GLY D 133 22.02 11.85 -3.62
CA GLY D 133 22.48 12.09 -4.97
C GLY D 133 21.68 13.21 -5.60
N TRP D 134 21.44 14.28 -4.83
CA TRP D 134 20.51 15.34 -5.25
C TRP D 134 21.20 16.65 -5.65
N ALA E 3 -2.55 1.14 19.42
CA ALA E 3 -1.27 0.39 19.28
C ALA E 3 -1.41 -0.90 18.45
N MSE E 4 -2.46 -1.69 18.72
CA MSE E 4 -2.65 -2.98 18.07
C MSE E 4 -2.99 -2.90 16.58
O MSE E 4 -4.00 -2.31 16.19
CB MSE E 4 -3.70 -3.84 18.78
CG MSE E 4 -3.76 -5.26 18.21
SE MSE E 4 -5.52 -6.14 18.32
CE MSE E 4 -6.66 -4.89 17.30
N LYS E 5 -2.12 -3.50 15.77
CA LYS E 5 -2.18 -3.42 14.32
C LYS E 5 -3.31 -4.26 13.74
N ALA E 6 -4.37 -3.57 13.33
CA ALA E 6 -5.46 -4.18 12.60
C ALA E 6 -5.83 -3.43 11.32
N ASP E 7 -6.31 -4.20 10.36
CA ASP E 7 -6.91 -3.66 9.17
C ASP E 7 -8.34 -4.19 9.11
N ILE E 8 -9.24 -3.34 8.64
CA ILE E 8 -10.62 -3.74 8.36
C ILE E 8 -10.77 -3.94 6.86
N LEU E 9 -11.16 -5.15 6.47
CA LEU E 9 -11.42 -5.47 5.07
C LEU E 9 -12.92 -5.45 4.85
N LEU E 10 -13.34 -4.63 3.88
CA LEU E 10 -14.76 -4.47 3.51
C LEU E 10 -15.12 -5.23 2.25
N VAL E 11 -15.99 -6.21 2.39
CA VAL E 11 -16.33 -7.09 1.26
C VAL E 11 -17.82 -7.00 0.94
N SER E 12 -18.08 -6.79 -0.35
CA SER E 12 -19.42 -6.56 -0.86
C SER E 12 -19.38 -6.78 -2.35
N HIS E 13 -20.55 -6.95 -2.97
CA HIS E 13 -20.61 -6.87 -4.43
C HIS E 13 -20.31 -5.45 -4.92
N SER E 14 -20.61 -4.48 -4.08
CA SER E 14 -20.60 -3.09 -4.46
C SER E 14 -19.38 -2.37 -3.90
N LYS E 15 -18.54 -1.91 -4.83
CA LYS E 15 -17.46 -1.01 -4.55
C LYS E 15 -17.93 0.38 -4.06
N MSE E 16 -19.10 0.85 -4.51
CA MSE E 16 -19.72 2.07 -4.03
C MSE E 16 -19.93 2.06 -2.53
O MSE E 16 -19.53 2.99 -1.85
CB MSE E 16 -21.06 2.32 -4.72
CG MSE E 16 -20.97 3.08 -6.00
SE MSE E 16 -22.63 4.04 -6.43
CE MSE E 16 -23.72 2.59 -7.19
N ILE E 17 -20.63 1.04 -2.03
CA ILE E 17 -20.78 0.73 -0.60
C ILE E 17 -19.46 0.71 0.15
N THR E 18 -18.51 -0.15 -0.23
CA THR E 18 -17.24 -0.28 0.51
C THR E 18 -16.39 1.00 0.43
N ASP E 19 -16.45 1.71 -0.69
CA ASP E 19 -15.75 3.03 -0.84
C ASP E 19 -16.47 4.06 0.05
N GLY E 20 -17.79 3.89 0.19
CA GLY E 20 -18.63 4.80 0.96
C GLY E 20 -18.39 4.67 2.46
N ILE E 21 -18.43 3.44 2.96
CA ILE E 21 -17.96 3.10 4.32
C ILE E 21 -16.51 3.55 4.61
N LYS E 22 -15.59 3.32 3.68
CA LYS E 22 -14.22 3.77 3.84
C LYS E 22 -14.13 5.30 4.02
N GLU E 23 -14.82 6.02 3.14
CA GLU E 23 -14.85 7.47 3.17
C GLU E 23 -15.44 8.00 4.46
N MSE E 24 -16.59 7.44 4.82
CA MSE E 24 -17.36 7.87 5.99
C MSE E 24 -16.58 7.67 7.29
O MSE E 24 -16.55 8.53 8.12
CB MSE E 24 -18.70 7.12 6.00
CG MSE E 24 -19.52 7.32 7.23
SE MSE E 24 -21.28 6.54 6.95
CE MSE E 24 -20.74 4.67 7.18
N ILE E 25 -15.96 6.50 7.45
CA ILE E 25 -15.10 6.20 8.60
C ILE E 25 -13.92 7.20 8.76
N GLU E 26 -13.25 7.47 7.65
CA GLU E 26 -12.06 8.29 7.66
C GLU E 26 -12.35 9.77 7.95
N GLN E 27 -13.42 10.31 7.36
CA GLN E 27 -13.76 11.72 7.64
C GLN E 27 -14.18 11.88 9.09
N MSE E 28 -15.01 10.98 9.57
CA MSE E 28 -15.46 10.93 10.95
C MSE E 28 -14.36 10.57 11.96
O MSE E 28 -14.65 10.36 13.13
CB MSE E 28 -16.63 9.94 11.11
CG MSE E 28 -17.91 10.29 10.34
SE MSE E 28 -19.41 9.06 10.75
CE MSE E 28 -19.79 9.68 12.59
N ASN E 29 -13.11 10.48 11.49
CA ASN E 29 -11.94 10.04 12.29
C ASN E 29 -12.14 8.74 13.09
N SER E 31 -9.05 7.83 13.12
CA SER E 31 -7.83 8.59 13.33
C SER E 31 -6.71 7.75 13.94
N GLU E 32 -6.93 6.44 14.06
CA GLU E 32 -5.90 5.53 14.60
C GLU E 32 -4.95 5.00 13.51
N ILE E 34 -5.05 1.85 12.42
CA ILE E 34 -6.19 1.06 11.90
C ILE E 34 -6.46 1.45 10.47
N THR E 35 -6.29 0.48 9.58
CA THR E 35 -6.34 0.74 8.15
C THR E 35 -7.58 0.14 7.57
N ILE E 36 -8.30 0.94 6.79
CA ILE E 36 -9.52 0.51 6.06
C ILE E 36 -9.24 0.13 4.58
N HIS E 37 -9.62 -1.09 4.21
CA HIS E 37 -9.51 -1.57 2.80
C HIS E 37 -10.90 -1.80 2.18
N SER E 38 -11.16 -1.06 1.11
CA SER E 38 -12.37 -1.20 0.31
C SER E 38 -12.28 -2.29 -0.79
N LEU E 39 -12.95 -3.41 -0.57
CA LEU E 39 -12.73 -4.55 -1.39
C LEU E 39 -14.01 -5.02 -2.06
N GLY E 40 -14.96 -4.11 -2.24
CA GLY E 40 -16.19 -4.41 -2.95
C GLY E 40 -15.88 -4.48 -4.42
N GLY E 41 -16.64 -5.29 -5.13
CA GLY E 41 -16.60 -5.27 -6.54
C GLY E 41 -15.63 -6.29 -7.08
N THR E 42 -15.70 -6.41 -8.38
CA THR E 42 -14.99 -7.38 -9.14
C THR E 42 -13.71 -6.69 -9.65
N SER E 43 -12.91 -7.37 -10.48
CA SER E 43 -11.64 -6.81 -10.97
C SER E 43 -11.74 -5.44 -11.65
N ASP E 44 -12.77 -5.23 -12.46
CA ASP E 44 -12.99 -3.93 -13.07
C ASP E 44 -13.99 -3.03 -12.29
N GLY E 45 -14.28 -3.39 -11.05
CA GLY E 45 -15.23 -2.62 -10.24
C GLY E 45 -16.71 -2.95 -10.42
N SER E 46 -17.03 -3.94 -11.25
CA SER E 46 -18.41 -4.38 -11.48
C SER E 46 -18.98 -5.15 -10.27
N LEU E 47 -20.28 -5.42 -10.28
CA LEU E 47 -20.92 -6.10 -9.17
C LEU E 47 -20.44 -7.55 -9.06
N GLY E 48 -19.88 -7.90 -7.91
CA GLY E 48 -19.46 -9.24 -7.64
C GLY E 48 -18.40 -9.25 -6.58
N SER E 49 -17.97 -10.44 -6.19
CA SER E 49 -16.94 -10.57 -5.16
C SER E 49 -15.91 -11.58 -5.59
N ASP E 50 -14.70 -11.34 -5.08
CA ASP E 50 -13.51 -12.11 -5.37
C ASP E 50 -12.79 -12.40 -4.07
N PRO E 51 -12.64 -13.69 -3.71
CA PRO E 51 -11.81 -14.02 -2.55
C PRO E 51 -10.35 -13.65 -2.76
N MSE E 52 -9.91 -13.64 -4.02
CA MSE E 52 -8.53 -13.30 -4.35
C MSE E 52 -8.17 -11.86 -3.98
O MSE E 52 -7.00 -11.54 -3.83
CB MSE E 52 -8.22 -13.53 -5.85
CG MSE E 52 -7.53 -14.85 -6.16
SE MSE E 52 -5.80 -15.06 -5.22
CE MSE E 52 -6.38 -16.30 -3.83
N LYS E 53 -9.20 -11.04 -3.85
CA LYS E 53 -9.04 -9.64 -3.47
C LYS E 53 -8.61 -9.59 -2.01
N ILE E 54 -9.19 -10.49 -1.19
CA ILE E 54 -8.85 -10.62 0.24
C ILE E 54 -7.39 -11.08 0.47
N ILE E 55 -6.98 -12.12 -0.28
CA ILE E 55 -5.69 -12.75 -0.12
C ILE E 55 -4.58 -11.79 -0.53
N ASP E 56 -4.75 -11.16 -1.70
CA ASP E 56 -3.85 -10.12 -2.21
C ASP E 56 -3.72 -8.92 -1.27
N THR E 57 -4.81 -8.51 -0.64
CA THR E 57 -4.71 -7.46 0.37
C THR E 57 -3.89 -7.95 1.57
N ILE E 58 -4.18 -9.18 2.05
CA ILE E 58 -3.46 -9.75 3.19
C ILE E 58 -1.96 -9.80 2.85
N ASN E 59 -1.62 -10.29 1.66
CA ASN E 59 -0.24 -10.51 1.26
C ASN E 59 0.54 -9.23 0.99
N GLU E 60 -0.16 -8.12 0.75
CA GLU E 60 0.47 -6.80 0.63
C GLU E 60 0.60 -6.06 1.96
N ALA E 61 -0.10 -6.54 2.98
CA ALA E 61 0.08 -6.04 4.35
C ALA E 61 1.29 -6.70 5.03
N ASP E 62 1.71 -6.09 6.14
CA ASP E 62 2.71 -6.66 7.05
C ASP E 62 2.24 -7.94 7.77
N SER E 63 3.22 -8.72 8.25
CA SER E 63 2.98 -9.99 8.96
C SER E 63 2.50 -9.85 10.42
N ASP E 64 2.45 -8.61 10.92
CA ASP E 64 2.13 -8.33 12.33
C ASP E 64 0.66 -7.90 12.59
N ARG E 65 -0.18 -7.99 11.55
CA ARG E 65 -1.47 -7.32 11.56
C ARG E 65 -2.66 -8.25 11.77
N GLU E 66 -3.64 -7.76 12.53
CA GLU E 66 -4.90 -8.50 12.68
C GLU E 66 -5.83 -8.06 11.57
N PHE E 67 -6.41 -9.01 10.87
CA PHE E 67 -7.36 -8.65 9.79
C PHE E 67 -8.77 -8.96 10.20
N LEU E 68 -9.61 -7.92 10.12
CA LEU E 68 -11.03 -8.02 10.49
C LEU E 68 -11.83 -7.99 9.20
N ILE E 69 -12.57 -9.08 8.98
CA ILE E 69 -13.24 -9.25 7.71
C ILE E 69 -14.75 -9.07 7.84
N PHE E 70 -15.26 -8.04 7.15
CA PHE E 70 -16.69 -7.75 7.06
C PHE E 70 -17.27 -8.01 5.68
N ALA E 71 -18.48 -8.57 5.65
CA ALA E 71 -19.22 -8.77 4.39
C ALA E 71 -20.69 -8.47 4.55
N ASP E 72 -21.38 -8.24 3.44
CA ASP E 72 -22.83 -8.05 3.55
C ASP E 72 -23.60 -9.32 3.16
N LEU E 73 -23.52 -9.75 1.90
CA LEU E 73 -24.44 -10.80 1.47
C LEU E 73 -24.00 -11.47 0.18
N GLY E 74 -24.64 -12.60 -0.15
CA GLY E 74 -24.35 -13.34 -1.36
C GLY E 74 -22.90 -13.82 -1.39
N SER E 75 -22.29 -13.71 -2.56
CA SER E 75 -20.93 -14.21 -2.81
C SER E 75 -19.86 -13.48 -1.99
N ALA E 76 -20.19 -12.30 -1.48
CA ALA E 76 -19.29 -11.53 -0.62
C ALA E 76 -19.01 -12.28 0.67
N VAL E 77 -20.03 -12.91 1.24
CA VAL E 77 -19.93 -13.76 2.42
C VAL E 77 -19.15 -15.02 2.11
N LEU E 78 -19.55 -15.74 1.05
CA LEU E 78 -18.81 -16.93 0.66
C LEU E 78 -17.34 -16.61 0.42
N SER E 79 -17.05 -15.65 -0.45
CA SER E 79 -15.66 -15.27 -0.71
C SER E 79 -14.85 -15.08 0.55
N SER E 80 -15.46 -14.44 1.54
CA SER E 80 -14.80 -14.18 2.81
C SER E 80 -14.41 -15.45 3.54
N GLU E 81 -15.31 -16.44 3.49
CA GLU E 81 -15.03 -17.75 4.06
C GLU E 81 -13.98 -18.46 3.24
N LEU E 82 -14.02 -18.30 1.91
CA LEU E 82 -13.20 -19.12 1.01
C LEU E 82 -11.73 -18.71 1.09
N ALA E 83 -11.51 -17.42 1.35
CA ALA E 83 -10.19 -16.82 1.47
C ALA E 83 -9.35 -17.34 2.68
N PHE E 84 -10.01 -17.84 3.74
CA PHE E 84 -9.35 -18.34 4.93
C PHE E 84 -8.46 -19.56 4.61
N ASP E 85 -9.00 -20.43 3.74
CA ASP E 85 -8.39 -21.69 3.33
C ASP E 85 -7.28 -21.54 2.30
N MSE E 86 -7.28 -20.40 1.61
CA MSE E 86 -6.30 -20.11 0.56
C MSE E 86 -5.02 -19.59 1.19
O MSE E 86 -3.95 -19.72 0.60
CB MSE E 86 -6.85 -19.08 -0.40
CG MSE E 86 -8.12 -19.52 -1.08
SE MSE E 86 -9.00 -18.14 -2.19
CE MSE E 86 -9.84 -19.44 -3.43
N LEU E 87 -5.18 -19.00 2.38
CA LEU E 87 -4.06 -18.44 3.15
C LEU E 87 -3.06 -19.50 3.57
N GLU E 88 -1.94 -19.03 4.09
CA GLU E 88 -0.95 -19.93 4.68
C GLU E 88 -1.28 -20.09 6.15
N GLU E 89 -0.89 -21.24 6.72
CA GLU E 89 -1.12 -21.58 8.13
C GLU E 89 -0.83 -20.43 9.09
N ASP E 90 0.31 -19.77 8.88
CA ASP E 90 0.81 -18.72 9.78
C ASP E 90 0.07 -17.39 9.62
N GLN E 91 -0.83 -17.33 8.64
CA GLN E 91 -1.63 -16.15 8.36
C GLN E 91 -3.02 -16.27 8.96
N GLN E 92 -3.49 -17.51 9.06
CA GLN E 92 -4.84 -17.83 9.48
C GLN E 92 -5.14 -17.38 10.91
N LYS E 93 -4.14 -17.38 11.78
CA LYS E 93 -4.30 -16.91 13.16
C LYS E 93 -4.52 -15.38 13.23
N HIS E 94 -4.39 -14.71 12.09
CA HIS E 94 -4.62 -13.28 11.97
C HIS E 94 -5.84 -12.96 11.12
N TYR E 95 -6.63 -13.96 10.75
CA TYR E 95 -7.81 -13.76 9.90
C TYR E 95 -9.06 -13.82 10.76
N HIS E 96 -9.71 -12.68 10.97
CA HIS E 96 -10.90 -12.62 11.84
C HIS E 96 -12.15 -12.23 11.07
N LEU E 97 -12.97 -13.22 10.77
CA LEU E 97 -14.30 -13.00 10.23
C LEU E 97 -15.15 -12.46 11.35
N VAL E 98 -15.67 -11.25 11.15
CA VAL E 98 -16.52 -10.60 12.11
C VAL E 98 -17.95 -10.81 11.66
N ASP E 99 -18.71 -11.54 12.47
CA ASP E 99 -20.12 -11.78 12.20
C ASP E 99 -20.90 -10.53 12.63
N ALA E 100 -21.08 -9.61 11.69
CA ALA E 100 -21.66 -8.30 11.94
C ALA E 100 -22.28 -7.69 10.68
N PRO E 101 -23.32 -6.82 10.83
CA PRO E 101 -23.73 -5.91 9.74
C PRO E 101 -22.52 -5.21 9.13
N LEU E 102 -22.46 -5.17 7.81
CA LEU E 102 -21.34 -4.56 7.10
C LEU E 102 -21.00 -3.10 7.52
N VAL E 103 -21.95 -2.18 7.33
CA VAL E 103 -21.70 -0.77 7.64
C VAL E 103 -21.45 -0.55 9.14
N GLU E 104 -22.41 -0.97 9.95
CA GLU E 104 -22.45 -0.64 11.37
C GLU E 104 -21.42 -1.45 12.14
N GLY E 105 -21.16 -2.67 11.67
CA GLY E 105 -20.15 -3.50 12.28
C GLY E 105 -18.76 -2.93 12.02
N ALA E 106 -18.44 -2.66 10.76
CA ALA E 106 -17.16 -2.05 10.36
C ALA E 106 -16.92 -0.70 11.06
N PHE E 107 -17.95 0.16 11.05
CA PHE E 107 -17.84 1.47 11.76
C PHE E 107 -17.54 1.30 13.25
N ALA E 108 -18.38 0.52 13.97
CA ALA E 108 -18.20 0.28 15.40
C ALA E 108 -16.82 -0.34 15.69
N SER E 109 -16.40 -1.29 14.86
CA SER E 109 -15.09 -1.87 14.95
C SER E 109 -13.97 -0.85 14.76
N ALA E 110 -14.10 0.02 13.77
CA ALA E 110 -13.09 1.07 13.56
C ALA E 110 -12.93 1.92 14.82
N ILE E 111 -14.05 2.21 15.49
CA ILE E 111 -14.06 3.08 16.70
C ILE E 111 -13.51 2.38 17.94
N THR E 112 -13.93 1.15 18.15
CA THR E 112 -13.51 0.39 19.30
C THR E 112 -12.01 0.08 19.24
N ALA E 113 -11.50 -0.18 18.03
CA ALA E 113 -10.08 -0.43 17.78
C ALA E 113 -9.18 0.76 18.12
N GLY E 114 -9.67 1.98 17.96
CA GLY E 114 -8.90 3.16 18.36
C GLY E 114 -8.94 3.52 19.85
N VAL E 115 -9.62 2.70 20.64
CA VAL E 115 -9.75 2.91 22.10
C VAL E 115 -9.37 1.63 22.86
N SER E 116 -9.12 0.55 22.12
CA SER E 116 -8.84 -0.76 22.72
C SER E 116 -7.93 -1.65 21.87
N ASP E 117 -7.05 -2.39 22.54
CA ASP E 117 -6.11 -3.33 21.91
C ASP E 117 -6.56 -4.77 22.13
N ASP E 118 -7.82 -4.95 22.57
CA ASP E 118 -8.35 -6.27 22.87
C ASP E 118 -9.26 -6.78 21.78
N LEU E 119 -8.75 -7.79 21.06
CA LEU E 119 -9.41 -8.39 19.91
C LEU E 119 -10.86 -8.83 20.18
N THR E 120 -11.06 -9.60 21.24
CA THR E 120 -12.37 -10.15 21.58
C THR E 120 -13.46 -9.10 21.92
N GLN E 121 -13.03 -7.98 22.53
CA GLN E 121 -13.94 -6.84 22.76
C GLN E 121 -14.33 -6.18 21.43
N ILE E 122 -13.33 -5.87 20.60
CA ILE E 122 -13.57 -5.25 19.30
C ILE E 122 -14.65 -5.98 18.51
N LEU E 123 -14.51 -7.30 18.37
CA LEU E 123 -15.51 -8.15 17.70
C LEU E 123 -16.88 -8.04 18.34
N ALA E 124 -16.91 -7.99 19.67
CA ALA E 124 -18.15 -8.04 20.46
C ALA E 124 -19.13 -6.89 20.14
N GLU E 125 -18.61 -5.66 20.10
CA GLU E 125 -19.41 -4.49 19.75
C GLU E 125 -19.90 -4.49 18.29
N ALA E 126 -19.16 -5.14 17.39
CA ALA E 126 -19.55 -5.21 15.99
C ALA E 126 -20.76 -6.14 15.77
N GLN E 127 -20.77 -7.30 16.42
CA GLN E 127 -21.91 -8.23 16.40
C GLN E 127 -23.23 -7.55 16.77
N ASN E 128 -23.16 -6.75 17.83
CA ASN E 128 -24.32 -6.14 18.45
C ASN E 128 -24.73 -4.83 17.77
N ALA E 129 -23.85 -4.33 16.90
CA ALA E 129 -24.13 -3.14 16.07
C ALA E 129 -25.30 -3.43 15.14
N GLY E 130 -25.88 -2.40 14.52
CA GLY E 130 -26.99 -2.62 13.60
C GLY E 130 -28.39 -2.67 14.20
N LYS E 131 -28.48 -2.67 15.54
CA LYS E 131 -29.75 -2.42 16.25
C LYS E 131 -29.87 -0.91 16.55
N LYS E 132 -31.11 -0.41 16.56
CA LYS E 132 -31.34 1.04 16.53
C LYS E 132 -32.24 1.57 17.65
N GLY E 133 -32.75 0.68 18.49
CA GLY E 133 -33.69 1.06 19.55
C GLY E 133 -35.03 1.32 18.92
N TRP E 134 -35.38 0.47 17.95
CA TRP E 134 -36.61 0.59 17.16
C TRP E 134 -37.45 -0.66 17.28
N SER F 1 -50.88 -14.53 -5.34
CA SER F 1 -49.59 -13.92 -4.93
C SER F 1 -49.75 -12.44 -4.51
N ASN F 2 -49.16 -12.08 -3.37
CA ASN F 2 -49.15 -10.71 -2.89
C ASN F 2 -47.74 -10.09 -2.97
N ALA F 3 -47.71 -8.77 -3.12
CA ALA F 3 -46.50 -7.96 -3.07
C ALA F 3 -46.87 -6.60 -2.48
N MSE F 4 -46.13 -6.18 -1.48
CA MSE F 4 -46.38 -4.89 -0.85
C MSE F 4 -45.93 -3.72 -1.74
O MSE F 4 -44.83 -3.74 -2.27
CB MSE F 4 -45.70 -4.86 0.52
CG MSE F 4 -45.99 -3.63 1.32
SE MSE F 4 -44.94 -3.66 2.95
CE MSE F 4 -46.32 -4.51 4.05
N LYS F 5 -46.80 -2.73 -1.90
CA LYS F 5 -46.43 -1.42 -2.43
C LYS F 5 -45.57 -0.75 -1.37
N ALA F 6 -44.27 -0.91 -1.48
CA ALA F 6 -43.38 -0.37 -0.47
C ALA F 6 -42.35 0.58 -1.08
N ASP F 7 -42.18 1.73 -0.44
CA ASP F 7 -41.00 2.56 -0.68
C ASP F 7 -39.91 2.18 0.31
N ILE F 8 -38.77 1.79 -0.19
CA ILE F 8 -37.64 1.49 0.67
C ILE F 8 -36.75 2.72 0.68
N LEU F 9 -36.59 3.33 1.85
CA LEU F 9 -35.86 4.58 1.94
C LEU F 9 -34.62 4.26 2.71
N LEU F 10 -33.49 4.62 2.09
CA LEU F 10 -32.16 4.29 2.61
C LEU F 10 -31.49 5.53 3.10
N VAL F 11 -31.21 5.58 4.41
CA VAL F 11 -30.75 6.76 5.09
C VAL F 11 -29.36 6.50 5.71
N SER F 12 -28.40 7.36 5.36
CA SER F 12 -27.02 7.23 5.75
C SER F 12 -26.36 8.62 5.64
N HIS F 13 -25.20 8.78 6.27
CA HIS F 13 -24.35 9.96 6.06
C HIS F 13 -23.86 9.96 4.60
N SER F 14 -23.70 8.74 4.11
CA SER F 14 -23.09 8.51 2.83
C SER F 14 -24.08 8.34 1.69
N LYS F 15 -23.97 9.23 0.71
CA LYS F 15 -24.72 9.06 -0.53
C LYS F 15 -24.18 7.85 -1.32
N MSE F 16 -22.85 7.62 -1.29
CA MSE F 16 -22.21 6.43 -1.90
C MSE F 16 -22.78 5.11 -1.36
O MSE F 16 -23.03 4.17 -2.12
CB MSE F 16 -20.69 6.39 -1.69
CG MSE F 16 -19.92 7.48 -2.40
SE MSE F 16 -18.00 7.09 -2.54
CE MSE F 16 -18.19 5.64 -3.84
N ILE F 17 -22.97 5.04 -0.05
CA ILE F 17 -23.49 3.84 0.56
C ILE F 17 -24.90 3.56 0.06
N THR F 18 -25.74 4.57 0.08
CA THR F 18 -27.13 4.39 -0.28
C THR F 18 -27.31 4.24 -1.79
N ASP F 19 -26.50 4.94 -2.60
CA ASP F 19 -26.54 4.67 -4.04
C ASP F 19 -26.18 3.20 -4.30
N GLY F 20 -25.15 2.68 -3.62
CA GLY F 20 -24.73 1.29 -3.78
C GLY F 20 -25.75 0.23 -3.35
N ILE F 21 -26.44 0.47 -2.23
CA ILE F 21 -27.46 -0.48 -1.79
C ILE F 21 -28.54 -0.49 -2.87
N LYS F 22 -28.88 0.70 -3.36
CA LYS F 22 -29.96 0.88 -4.30
C LYS F 22 -29.71 0.10 -5.60
N GLU F 23 -28.52 0.26 -6.17
CA GLU F 23 -28.11 -0.53 -7.35
C GLU F 23 -28.22 -2.06 -7.19
N MSE F 24 -27.89 -2.56 -5.99
CA MSE F 24 -27.92 -4.00 -5.69
C MSE F 24 -29.36 -4.50 -5.61
O MSE F 24 -29.69 -5.52 -6.18
CB MSE F 24 -27.16 -4.35 -4.40
CG MSE F 24 -25.62 -4.46 -4.55
SE MSE F 24 -24.71 -4.98 -2.85
CE MSE F 24 -25.17 -6.90 -2.90
N ILE F 25 -30.21 -3.74 -4.92
CA ILE F 25 -31.61 -4.09 -4.73
C ILE F 25 -32.33 -4.12 -6.07
N GLU F 26 -32.01 -3.13 -6.91
CA GLU F 26 -32.65 -2.97 -8.19
C GLU F 26 -32.23 -4.02 -9.20
N GLN F 27 -31.09 -4.67 -8.98
CA GLN F 27 -30.69 -5.86 -9.73
C GLN F 27 -31.65 -6.99 -9.50
N MSE F 28 -32.19 -7.06 -8.29
CA MSE F 28 -32.86 -8.25 -7.81
C MSE F 28 -34.39 -8.14 -7.81
O MSE F 28 -35.09 -9.15 -7.85
CB MSE F 28 -32.32 -8.56 -6.42
CG MSE F 28 -32.42 -9.99 -5.97
SE MSE F 28 -31.83 -11.43 -7.20
CE MSE F 28 -30.32 -10.66 -8.23
N ASN F 29 -34.89 -6.91 -7.75
CA ASN F 29 -36.31 -6.63 -7.62
C ASN F 29 -37.09 -6.81 -8.91
N ALA F 30 -38.16 -7.61 -8.82
CA ALA F 30 -39.02 -7.89 -9.97
C ALA F 30 -40.38 -7.18 -9.90
N SER F 31 -40.56 -6.35 -8.89
CA SER F 31 -41.88 -5.87 -8.56
C SER F 31 -41.99 -4.37 -8.81
N GLU F 32 -42.97 -3.96 -9.63
CA GLU F 32 -43.16 -2.53 -9.88
C GLU F 32 -43.64 -1.77 -8.65
N GLU F 33 -44.25 -2.51 -7.73
CA GLU F 33 -44.79 -2.00 -6.44
C GLU F 33 -43.72 -1.49 -5.45
N ILE F 34 -42.49 -1.91 -5.66
CA ILE F 34 -41.40 -1.57 -4.77
C ILE F 34 -40.53 -0.50 -5.39
N THR F 35 -40.37 0.59 -4.64
CA THR F 35 -39.52 1.73 -5.05
C THR F 35 -38.39 1.92 -4.03
N ILE F 36 -37.18 2.11 -4.54
CA ILE F 36 -36.00 2.25 -3.71
C ILE F 36 -35.46 3.69 -3.73
N HIS F 37 -35.35 4.29 -2.55
CA HIS F 37 -34.96 5.69 -2.44
C HIS F 37 -33.62 5.85 -1.79
N SER F 38 -32.62 6.25 -2.57
CA SER F 38 -31.30 6.54 -2.00
C SER F 38 -31.22 7.90 -1.32
N LEU F 39 -31.42 7.93 -0.01
CA LEU F 39 -31.53 9.23 0.67
C LEU F 39 -30.30 9.59 1.50
N GLY F 40 -29.16 9.08 1.08
CA GLY F 40 -27.93 9.31 1.84
C GLY F 40 -27.33 10.67 1.57
N GLY F 41 -26.72 11.25 2.60
CA GLY F 41 -25.92 12.43 2.42
C GLY F 41 -26.73 13.70 2.53
N THR F 42 -26.02 14.82 2.55
CA THR F 42 -26.64 16.11 2.68
C THR F 42 -27.21 16.49 1.31
N SER F 43 -27.98 17.57 1.26
CA SER F 43 -28.60 18.10 0.03
C SER F 43 -27.66 18.24 -1.19
N ASP F 44 -26.43 18.70 -0.94
CA ASP F 44 -25.37 18.70 -1.97
C ASP F 44 -24.57 17.38 -2.12
N GLY F 45 -25.06 16.28 -1.55
CA GLY F 45 -24.41 14.95 -1.70
C GLY F 45 -23.27 14.64 -0.72
N SER F 46 -22.72 15.68 -0.09
CA SER F 46 -21.71 15.54 0.97
C SER F 46 -22.20 14.76 2.17
N LEU F 47 -21.23 14.41 3.05
CA LEU F 47 -21.47 13.64 4.28
C LEU F 47 -22.27 14.42 5.33
N GLY F 48 -23.44 13.89 5.64
CA GLY F 48 -24.33 14.46 6.62
C GLY F 48 -25.72 13.88 6.46
N SER F 49 -26.66 14.39 7.26
CA SER F 49 -28.07 13.94 7.31
C SER F 49 -28.96 15.03 6.75
N ASP F 50 -30.15 14.66 6.26
CA ASP F 50 -31.09 15.65 5.77
C ASP F 50 -32.51 15.13 5.92
N PRO F 51 -33.13 15.43 7.08
CA PRO F 51 -34.46 14.87 7.36
C PRO F 51 -35.45 15.34 6.30
N MSE F 52 -35.22 16.52 5.77
CA MSE F 52 -36.07 17.09 4.75
C MSE F 52 -36.20 16.20 3.48
O MSE F 52 -37.23 16.25 2.82
CB MSE F 52 -35.60 18.51 4.44
CG MSE F 52 -36.68 19.47 3.93
SE MSE F 52 -38.44 19.49 4.88
CE MSE F 52 -39.40 20.69 3.66
N LYS F 53 -35.16 15.39 3.17
CA LYS F 53 -35.23 14.36 2.10
C LYS F 53 -36.28 13.31 2.40
N ILE F 54 -36.27 12.83 3.62
CA ILE F 54 -37.25 11.84 4.03
C ILE F 54 -38.66 12.45 3.90
N ILE F 55 -38.88 13.58 4.55
CA ILE F 55 -40.20 14.28 4.56
C ILE F 55 -40.73 14.55 3.13
N ASP F 56 -39.92 15.22 2.30
CA ASP F 56 -40.23 15.37 0.87
C ASP F 56 -40.65 14.05 0.17
N THR F 57 -39.86 13.01 0.37
CA THR F 57 -40.14 11.70 -0.22
C THR F 57 -41.56 11.20 0.14
N ILE F 58 -41.91 11.25 1.42
CA ILE F 58 -43.19 10.72 1.89
C ILE F 58 -44.39 11.52 1.31
N ASN F 59 -44.25 12.87 1.23
CA ASN F 59 -45.27 13.77 0.72
C ASN F 59 -45.49 13.63 -0.79
N GLU F 60 -44.43 13.24 -1.50
CA GLU F 60 -44.50 12.98 -2.93
C GLU F 60 -45.12 11.62 -3.21
N ALA F 61 -45.12 10.77 -2.20
CA ALA F 61 -45.54 9.39 -2.40
C ALA F 61 -47.05 9.27 -2.41
N ASP F 62 -47.56 8.36 -3.23
CA ASP F 62 -48.95 7.98 -3.15
C ASP F 62 -49.32 7.46 -1.77
N SER F 63 -50.54 7.79 -1.35
CA SER F 63 -50.91 7.65 0.03
C SER F 63 -51.43 6.26 0.38
N ASP F 64 -51.20 5.30 -0.51
CA ASP F 64 -51.53 3.91 -0.26
C ASP F 64 -50.29 3.00 -0.03
N ARG F 65 -49.14 3.57 0.26
CA ARG F 65 -47.89 2.80 0.35
C ARG F 65 -47.33 2.72 1.78
N GLU F 66 -46.55 1.67 2.05
CA GLU F 66 -45.76 1.60 3.27
C GLU F 66 -44.38 2.20 3.03
N PHE F 67 -43.87 2.88 4.05
CA PHE F 67 -42.52 3.43 4.01
C PHE F 67 -41.58 2.65 4.94
N LEU F 68 -40.60 1.97 4.34
CA LEU F 68 -39.65 1.17 5.13
C LEU F 68 -38.31 1.89 5.21
N ILE F 69 -37.97 2.29 6.43
CA ILE F 69 -36.85 3.20 6.62
C ILE F 69 -35.73 2.44 7.28
N PHE F 70 -34.57 2.51 6.64
CA PHE F 70 -33.36 1.89 7.16
C PHE F 70 -32.34 2.99 7.33
N ALA F 71 -31.65 2.97 8.48
CA ALA F 71 -30.62 3.97 8.77
C ALA F 71 -29.36 3.21 9.22
N ASP F 72 -28.19 3.84 9.16
CA ASP F 72 -27.01 3.15 9.63
C ASP F 72 -26.49 3.60 11.01
N LEU F 73 -26.00 4.83 11.12
CA LEU F 73 -25.33 5.29 12.34
C LEU F 73 -26.21 6.28 13.10
N GLY F 74 -25.74 6.68 14.29
CA GLY F 74 -26.52 7.51 15.21
C GLY F 74 -27.28 8.65 14.56
N SER F 75 -26.54 9.43 13.75
CA SER F 75 -27.04 10.64 13.12
C SER F 75 -28.16 10.40 12.09
N ALA F 76 -28.03 9.32 11.31
CA ALA F 76 -29.06 8.96 10.35
C ALA F 76 -30.33 8.49 11.07
N VAL F 77 -30.14 7.86 12.21
CA VAL F 77 -31.21 7.35 13.08
C VAL F 77 -32.00 8.50 13.72
N LEU F 78 -31.29 9.51 14.23
CA LEU F 78 -31.91 10.74 14.78
C LEU F 78 -32.74 11.51 13.74
N SER F 79 -32.18 11.68 12.55
CA SER F 79 -32.81 12.32 11.42
C SER F 79 -34.05 11.54 10.93
N SER F 80 -33.95 10.20 10.94
CA SER F 80 -35.07 9.33 10.60
C SER F 80 -36.23 9.43 11.58
N GLU F 81 -35.92 9.53 12.88
CA GLU F 81 -36.94 9.69 13.92
C GLU F 81 -37.54 11.09 13.89
N LEU F 82 -36.70 12.09 13.58
CA LEU F 82 -37.15 13.47 13.37
C LEU F 82 -38.11 13.58 12.20
N ALA F 83 -37.78 12.97 11.06
CA ALA F 83 -38.69 13.00 9.92
C ALA F 83 -40.10 12.51 10.31
N PHE F 84 -40.16 11.38 11.01
CA PHE F 84 -41.39 10.81 11.52
C PHE F 84 -42.23 11.76 12.34
N ASP F 85 -41.58 12.48 13.27
CA ASP F 85 -42.26 13.39 14.19
C ASP F 85 -42.78 14.64 13.50
N MSE F 86 -42.27 14.91 12.31
CA MSE F 86 -42.77 15.99 11.47
C MSE F 86 -43.95 15.54 10.59
O MSE F 86 -44.60 16.38 9.96
CB MSE F 86 -41.64 16.56 10.60
CG MSE F 86 -40.48 17.18 11.38
SE MSE F 86 -41.00 18.82 12.29
CE MSE F 86 -41.66 19.85 10.74
N LEU F 87 -44.24 14.25 10.54
CA LEU F 87 -45.36 13.78 9.68
C LEU F 87 -46.77 13.98 10.25
N GLU F 88 -47.72 14.10 9.33
CA GLU F 88 -49.10 14.13 9.73
C GLU F 88 -49.51 12.69 10.05
N GLU F 89 -50.65 12.56 10.73
CA GLU F 89 -51.02 11.34 11.40
C GLU F 89 -51.20 10.11 10.51
N ASP F 90 -51.86 10.29 9.37
CA ASP F 90 -52.05 9.20 8.40
C ASP F 90 -50.74 8.78 7.72
N GLN F 91 -49.82 9.72 7.59
CA GLN F 91 -48.49 9.46 7.03
C GLN F 91 -47.68 8.62 8.01
N GLN F 92 -47.66 9.05 9.28
CA GLN F 92 -47.07 8.32 10.40
C GLN F 92 -47.46 6.83 10.49
N LYS F 93 -48.69 6.52 10.08
CA LYS F 93 -49.20 5.16 10.12
C LYS F 93 -48.71 4.27 8.95
N HIS F 94 -47.99 4.87 8.02
CA HIS F 94 -47.44 4.11 6.92
C HIS F 94 -45.90 4.13 7.00
N TYR F 95 -45.39 4.72 8.08
CA TYR F 95 -43.97 4.99 8.25
C TYR F 95 -43.33 4.03 9.25
N HIS F 96 -42.45 3.17 8.76
CA HIS F 96 -41.91 2.07 9.61
C HIS F 96 -40.39 2.15 9.75
N LEU F 97 -39.94 2.55 10.96
CA LEU F 97 -38.54 2.61 11.31
C LEU F 97 -38.03 1.19 11.53
N VAL F 98 -37.28 0.63 10.57
CA VAL F 98 -36.88 -0.79 10.67
C VAL F 98 -35.57 -1.02 11.44
N ASP F 99 -35.71 -1.78 12.54
CA ASP F 99 -34.63 -2.15 13.40
C ASP F 99 -33.78 -3.23 12.73
N ALA F 100 -33.03 -2.87 11.70
CA ALA F 100 -32.32 -3.84 10.91
C ALA F 100 -31.02 -3.25 10.40
N PRO F 101 -30.02 -4.09 10.11
CA PRO F 101 -28.82 -3.48 9.51
C PRO F 101 -29.19 -2.81 8.19
N LEU F 102 -28.47 -1.75 7.83
CA LEU F 102 -28.81 -0.96 6.64
C LEU F 102 -28.77 -1.74 5.31
N VAL F 103 -27.65 -2.34 5.00
CA VAL F 103 -27.47 -3.01 3.72
C VAL F 103 -28.27 -4.33 3.75
N GLU F 104 -27.97 -5.19 4.72
CA GLU F 104 -28.54 -6.52 4.75
C GLU F 104 -30.04 -6.45 5.01
N GLY F 105 -30.44 -5.63 5.96
CA GLY F 105 -31.87 -5.46 6.28
C GLY F 105 -32.68 -4.95 5.09
N ALA F 106 -32.19 -3.96 4.36
CA ALA F 106 -32.92 -3.38 3.22
C ALA F 106 -33.06 -4.37 2.09
N PHE F 107 -32.00 -5.13 1.83
CA PHE F 107 -32.00 -6.14 0.79
C PHE F 107 -32.91 -7.31 1.18
N ALA F 108 -32.85 -7.75 2.43
CA ALA F 108 -33.77 -8.82 2.88
C ALA F 108 -35.21 -8.35 2.79
N SER F 109 -35.46 -7.14 3.28
N SER F 109 -35.49 -7.10 3.18
CA SER F 109 -36.90 -6.65 3.19
CA SER F 109 -36.84 -6.54 3.10
C SER F 109 -37.52 -6.38 1.66
C SER F 109 -37.41 -6.50 1.69
N ALA F 110 -36.68 -5.84 0.78
CA ALA F 110 -36.97 -5.80 -0.65
C ALA F 110 -37.43 -7.17 -1.20
N ILE F 111 -36.67 -8.23 -0.90
CA ILE F 111 -36.98 -9.64 -1.29
C ILE F 111 -38.32 -10.17 -0.78
N THR F 112 -38.54 -10.10 0.52
CA THR F 112 -39.81 -10.51 1.12
C THR F 112 -40.99 -9.65 0.62
N ALA F 113 -40.79 -8.33 0.51
CA ALA F 113 -41.87 -7.40 0.12
C ALA F 113 -42.30 -7.63 -1.31
N GLY F 114 -41.44 -8.29 -2.09
CA GLY F 114 -41.74 -8.58 -3.48
C GLY F 114 -42.74 -9.72 -3.64
N VAL F 115 -42.84 -10.59 -2.63
CA VAL F 115 -43.74 -11.77 -2.62
C VAL F 115 -44.69 -11.87 -1.39
N SER F 116 -44.82 -10.77 -0.65
CA SER F 116 -45.63 -10.79 0.55
C SER F 116 -45.98 -9.36 0.90
N ASP F 117 -47.22 -9.14 1.36
CA ASP F 117 -47.56 -7.88 2.00
C ASP F 117 -47.79 -8.00 3.52
N ASP F 118 -47.28 -9.08 4.11
CA ASP F 118 -47.30 -9.31 5.56
C ASP F 118 -46.20 -8.46 6.21
N LEU F 119 -46.55 -7.24 6.62
CA LEU F 119 -45.57 -6.32 7.21
C LEU F 119 -44.81 -6.89 8.40
N THR F 120 -45.49 -7.62 9.26
CA THR F 120 -44.80 -8.17 10.43
C THR F 120 -43.77 -9.24 10.06
N GLN F 121 -44.07 -10.11 9.10
CA GLN F 121 -43.08 -11.06 8.56
C GLN F 121 -41.89 -10.39 7.85
N ILE F 122 -42.15 -9.24 7.21
CA ILE F 122 -41.12 -8.51 6.46
C ILE F 122 -40.08 -7.91 7.43
N LEU F 123 -40.58 -7.40 8.56
CA LEU F 123 -39.75 -6.74 9.55
C LEU F 123 -38.91 -7.72 10.36
N ALA F 124 -39.46 -8.90 10.65
CA ALA F 124 -38.69 -9.98 11.26
C ALA F 124 -37.58 -10.46 10.33
N GLU F 125 -37.92 -10.78 9.10
CA GLU F 125 -36.93 -11.10 8.07
C GLU F 125 -35.78 -10.05 8.05
N ALA F 126 -36.15 -8.76 8.05
CA ALA F 126 -35.21 -7.65 8.01
C ALA F 126 -34.39 -7.53 9.29
N GLN F 127 -35.01 -7.75 10.43
CA GLN F 127 -34.30 -7.57 11.69
C GLN F 127 -33.31 -8.69 11.96
N ASN F 128 -33.56 -9.84 11.33
CA ASN F 128 -32.68 -11.01 11.44
C ASN F 128 -31.67 -11.12 10.30
N ALA F 129 -31.63 -10.11 9.45
CA ALA F 129 -30.69 -10.06 8.32
C ALA F 129 -29.27 -9.73 8.76
N GLY F 130 -28.32 -10.06 7.90
CA GLY F 130 -26.91 -9.80 8.15
C GLY F 130 -26.15 -10.73 9.07
N LYS F 131 -26.79 -11.84 9.46
CA LYS F 131 -26.17 -12.83 10.35
C LYS F 131 -25.37 -13.87 9.51
N LYS F 132 -24.06 -14.00 9.76
CA LYS F 132 -23.28 -14.83 8.82
C LYS F 132 -23.16 -16.25 9.30
N GLY F 133 -23.37 -16.45 10.60
CA GLY F 133 -23.04 -17.72 11.23
C GLY F 133 -21.54 -17.96 11.28
N TRP F 134 -20.76 -16.92 11.57
CA TRP F 134 -19.30 -17.03 11.66
C TRP F 134 -18.85 -17.14 13.10
N ASN F 135 -19.10 -16.09 13.87
CA ASN F 135 -18.96 -16.10 15.32
C ASN F 135 -20.29 -15.84 16.02
#